data_1V1R
#
_entry.id   1V1R
#
_cell.length_a   145.135
_cell.length_b   145.135
_cell.length_c   69.226
_cell.angle_alpha   90.00
_cell.angle_beta   90.00
_cell.angle_gamma   120.00
#
_symmetry.space_group_name_H-M   'P 31 2 1'
#
loop_
_entity.id
_entity.type
_entity.pdbx_description
1 polymer '2-OXOISOVALERATE DEHYDROGENASE ALPHA SUBUNIT'
2 polymer '2-OXOISOVALERATE DEHYDROGENASE BETA SUBUNIT'
3 non-polymer 'CHLORIDE ION'
4 non-polymer 'POTASSIUM ION'
5 non-polymer 'SODIUM ION'
6 non-polymer 'SULFATE ION'
7 non-polymer GLYCEROL
8 water water
#
loop_
_entity_poly.entity_id
_entity_poly.type
_entity_poly.pdbx_seq_one_letter_code
_entity_poly.pdbx_strand_id
1 'polypeptide(L)'
;SSLDDKPQFPGASAEFIDKLEFIQPNVISGIPIYRVMDRQGQIINPSEDPHLPKEKVLKLYKSMTLLNTMDRILYESQRQ
GRISFYMTNYGEEGTHVGSAAALDNTDLVFGQYREAGVLMYRDYPLELFMAQCYGNISDLGKGRQMPVHYGCKERHFVTI
SSPLATQIPQAVGAAYAAKRANANRVVICYFGEGAASEGDAHAGFNFAATLECPIIFFCRNNGYAISTPTSEQYRGDGIA
ARGPGYGIMSIRVDGNDVFAVYNATKEARRRAVAENQPFLIEAMTYRIGHASTSDDSSAYRSVDEVNYWDKQDHPISRLR
HYLLSQGWWDEEQEKAWRKQSRRKVMEAFEQAERKPKPNPNLLFSDVYQEMPAQLRKQQESLARHLQTYGEHYPLDHFDK
;
A
2 'polypeptide(L)'
;VAHFTFQPDPEPREYGQTQKMNLFQSVTSALDNSLAKDPTAVIFGEDVAFGGVFRCTVGLRDKYGKDRVFNTPLCEQGIV
GFGIGIAVTGATAIAEIQFADYIFPAFDQIVNEAAKYRYRSGDLFNCGSLTIRSPWGCVGHGALYHSQSPEAFFAHCPGI
KVVIPRSPFQAKGLLLSCIEDKNPCIFFEPKILYRAAAEEVPIEPYNIPLSQAEVIQEGSDVTLVAWGTQVHVIREVASM
AKEKLGVSCEVIDLRTIIPWDVDTICKSVIKTGRLLISHEAPLTGGFASEISSTVQEECFLNLEAPISRVCGYDTPFPHI
FEPFYIPDKWKCYDALRKMINY
;
B
#
# COMPACT_ATOMS: atom_id res chain seq x y z
N ALA A 14 -2.95 14.08 36.02
CA ALA A 14 -2.81 15.43 36.64
C ALA A 14 -3.66 15.57 37.88
N GLU A 15 -3.76 16.81 38.36
CA GLU A 15 -4.46 17.13 39.58
C GLU A 15 -5.94 17.38 39.26
N PHE A 16 -6.71 17.67 40.30
CA PHE A 16 -8.09 18.13 40.15
C PHE A 16 -8.12 19.63 40.11
N ILE A 17 -9.18 20.19 39.52
CA ILE A 17 -9.44 21.60 39.55
C ILE A 17 -10.88 21.74 40.05
N ASP A 18 -11.14 22.74 40.87
CA ASP A 18 -12.49 22.85 41.45
C ASP A 18 -13.37 23.97 40.83
N LYS A 19 -12.91 24.67 39.79
CA LYS A 19 -13.77 25.54 39.02
C LYS A 19 -13.77 25.13 37.53
N LEU A 20 -14.88 25.38 36.87
CA LEU A 20 -15.11 24.96 35.49
C LEU A 20 -14.46 26.03 34.64
N GLU A 21 -13.53 25.57 33.81
CA GLU A 21 -12.76 26.42 32.88
C GLU A 21 -12.44 25.62 31.58
N PHE A 22 -12.98 26.07 30.47
CA PHE A 22 -12.63 25.50 29.16
C PHE A 22 -11.24 25.97 28.74
N ILE A 23 -10.43 25.07 28.24
CA ILE A 23 -9.12 25.42 27.70
C ILE A 23 -9.37 26.01 26.33
N GLN A 24 -8.90 27.24 26.16
CA GLN A 24 -8.98 27.93 24.91
C GLN A 24 -7.83 27.50 23.99
N PRO A 25 -8.04 27.55 22.70
CA PRO A 25 -6.91 27.54 21.76
C PRO A 25 -6.18 28.89 21.87
N ASN A 26 -5.23 28.97 22.77
CA ASN A 26 -4.45 30.19 23.09
C ASN A 26 -3.23 29.66 23.78
N VAL A 27 -3.48 28.66 24.63
CA VAL A 27 -2.52 27.62 25.02
C VAL A 27 -1.23 27.56 24.11
N ILE A 28 -0.17 28.00 24.86
CA ILE A 28 1.20 28.45 24.56
C ILE A 28 1.15 29.76 23.74
N SER A 29 0.70 29.80 22.47
CA SER A 29 0.71 31.09 21.77
C SER A 29 0.16 31.03 20.33
N GLY A 30 0.47 32.08 19.59
CA GLY A 30 0.90 31.90 18.22
C GLY A 30 2.34 31.32 18.36
N ILE A 31 2.54 30.14 17.82
CA ILE A 31 3.86 29.54 17.74
C ILE A 31 4.74 30.41 16.82
N PRO A 32 5.85 30.89 17.30
CA PRO A 32 6.68 31.79 16.50
C PRO A 32 7.48 31.04 15.38
N ILE A 33 7.96 31.78 14.41
CA ILE A 33 8.58 31.24 13.22
C ILE A 33 10.11 31.40 13.40
N TYR A 34 10.79 30.28 13.49
CA TYR A 34 12.24 30.29 13.55
C TYR A 34 12.87 30.83 12.25
N ARG A 35 13.71 31.86 12.42
N ARG A 35 13.77 31.82 12.40
CA ARG A 35 14.46 32.47 11.34
CA ARG A 35 14.40 32.52 11.28
C ARG A 35 15.96 32.59 11.69
C ARG A 35 15.89 32.83 11.59
N VAL A 36 16.80 32.46 10.67
CA VAL A 36 18.25 32.58 10.85
C VAL A 36 18.81 33.78 10.06
N MET A 37 18.24 34.03 8.89
CA MET A 37 18.77 34.93 7.92
C MET A 37 17.63 35.88 7.56
N ASP A 38 17.88 37.18 7.57
CA ASP A 38 16.82 38.11 7.21
C ASP A 38 16.74 38.20 5.73
N ARG A 39 15.81 39.01 5.24
CA ARG A 39 15.56 39.10 3.80
C ARG A 39 16.67 39.75 2.98
N GLN A 40 17.66 40.32 3.65
CA GLN A 40 18.88 40.82 3.03
C GLN A 40 20.03 39.82 3.15
N GLY A 41 19.77 38.56 3.54
CA GLY A 41 20.82 37.55 3.59
C GLY A 41 21.80 37.67 4.74
N GLN A 42 21.45 38.41 5.79
CA GLN A 42 22.34 38.60 6.94
C GLN A 42 21.95 37.62 8.05
N ILE A 43 22.96 37.06 8.71
CA ILE A 43 22.70 36.22 9.87
C ILE A 43 22.21 37.08 11.04
N ILE A 44 21.10 36.71 11.64
CA ILE A 44 20.46 37.53 12.64
C ILE A 44 21.07 37.31 14.02
N ASN A 45 21.51 36.10 14.30
CA ASN A 45 22.03 35.68 15.59
C ASN A 45 23.19 34.67 15.32
N PRO A 46 24.44 35.10 15.48
CA PRO A 46 25.59 34.25 15.20
C PRO A 46 25.61 32.90 15.87
N SER A 47 24.99 32.77 17.03
CA SER A 47 24.93 31.46 17.68
C SER A 47 24.13 30.43 16.82
N GLU A 48 23.30 30.92 15.91
CA GLU A 48 22.51 30.02 15.05
C GLU A 48 23.07 29.79 13.65
N ASP A 49 24.18 30.46 13.31
CA ASP A 49 24.81 30.20 12.03
C ASP A 49 25.26 28.77 11.97
N PRO A 50 24.86 28.01 10.96
CA PRO A 50 25.38 26.66 10.79
C PRO A 50 26.85 26.62 10.28
N HIS A 51 27.34 27.75 9.88
CA HIS A 51 28.67 27.82 9.22
C HIS A 51 28.90 26.72 8.23
N LEU A 52 27.99 26.58 7.27
CA LEU A 52 28.14 25.53 6.27
C LEU A 52 29.28 25.94 5.35
N PRO A 53 30.05 24.98 4.91
CA PRO A 53 31.17 25.26 4.00
C PRO A 53 30.73 25.86 2.66
N LYS A 54 31.61 26.67 2.04
CA LYS A 54 31.32 27.29 0.75
C LYS A 54 30.76 26.33 -0.33
N GLU A 55 31.39 25.17 -0.51
CA GLU A 55 31.02 24.25 -1.57
C GLU A 55 29.58 23.72 -1.37
N LYS A 56 29.20 23.47 -0.11
N LYS A 56 29.24 23.47 -0.09
CA LYS A 56 27.83 23.00 0.14
CA LYS A 56 27.87 23.05 0.30
C LYS A 56 26.80 24.13 0.03
C LYS A 56 26.87 24.14 -0.04
N VAL A 57 27.15 25.36 0.41
CA VAL A 57 26.23 26.47 0.19
C VAL A 57 26.01 26.77 -1.26
N LEU A 58 27.08 26.70 -2.05
CA LEU A 58 26.95 26.84 -3.49
C LEU A 58 26.11 25.72 -4.13
N LYS A 59 26.26 24.52 -3.61
CA LYS A 59 25.47 23.40 -4.02
C LYS A 59 23.99 23.65 -3.68
N LEU A 60 23.68 24.17 -2.51
CA LEU A 60 22.31 24.60 -2.20
C LEU A 60 21.76 25.59 -3.23
N TYR A 61 22.55 26.63 -3.52
CA TYR A 61 22.13 27.65 -4.47
C TYR A 61 21.94 27.10 -5.90
N LYS A 62 22.91 26.35 -6.42
CA LYS A 62 22.84 25.82 -7.75
C LYS A 62 21.69 24.81 -7.91
N SER A 63 21.43 23.99 -6.88
CA SER A 63 20.32 23.06 -6.91
C SER A 63 18.98 23.82 -7.04
N MET A 64 18.83 24.86 -6.25
CA MET A 64 17.57 25.63 -6.28
C MET A 64 17.37 26.28 -7.62
N THR A 65 18.42 26.84 -8.21
CA THR A 65 18.27 27.57 -9.47
C THR A 65 18.18 26.62 -10.65
N LEU A 66 18.83 25.46 -10.59
CA LEU A 66 18.68 24.45 -11.65
C LEU A 66 17.25 23.90 -11.67
N LEU A 67 16.67 23.70 -10.50
CA LEU A 67 15.24 23.32 -10.38
C LEU A 67 14.34 24.40 -10.99
N ASN A 68 14.61 25.66 -10.70
CA ASN A 68 13.83 26.75 -11.22
C ASN A 68 13.93 26.84 -12.76
N THR A 69 15.11 26.64 -13.34
CA THR A 69 15.29 26.60 -14.78
C THR A 69 14.48 25.45 -15.40
N MET A 70 14.54 24.28 -14.76
CA MET A 70 13.83 23.11 -15.25
C MET A 70 12.30 23.37 -15.21
N ASP A 71 11.82 23.89 -14.08
CA ASP A 71 10.44 24.28 -13.90
C ASP A 71 9.94 25.20 -15.05
N ARG A 72 10.74 26.20 -15.44
CA ARG A 72 10.33 27.18 -16.47
C ARG A 72 10.12 26.47 -17.77
N ILE A 73 11.04 25.61 -18.13
CA ILE A 73 11.00 24.93 -19.38
C ILE A 73 9.88 23.86 -19.41
N LEU A 74 9.76 23.08 -18.33
CA LEU A 74 8.71 22.05 -18.32
C LEU A 74 7.28 22.62 -18.18
N TYR A 75 7.15 23.71 -17.47
CA TYR A 75 5.86 24.41 -17.40
C TYR A 75 5.38 24.85 -18.78
N GLU A 76 6.30 25.40 -19.56
CA GLU A 76 5.98 25.79 -20.94
C GLU A 76 5.70 24.57 -21.80
N SER A 77 6.42 23.48 -21.58
CA SER A 77 6.17 22.25 -22.31
C SER A 77 4.74 21.74 -22.09
N GLN A 78 4.28 21.88 -20.86
CA GLN A 78 2.94 21.52 -20.44
C GLN A 78 1.92 22.43 -21.13
N ARG A 79 2.14 23.73 -21.09
CA ARG A 79 1.25 24.69 -21.76
C ARG A 79 1.10 24.40 -23.26
N GLN A 80 2.14 23.85 -23.87
CA GLN A 80 2.08 23.47 -25.26
C GLN A 80 1.51 22.09 -25.52
N GLY A 81 1.20 21.31 -24.50
CA GLY A 81 0.74 19.94 -24.71
C GLY A 81 1.81 18.94 -25.05
N ARG A 82 3.09 19.29 -24.87
CA ARG A 82 4.15 18.31 -25.11
C ARG A 82 4.31 17.28 -23.99
N ILE A 83 4.05 17.69 -22.77
CA ILE A 83 3.81 16.73 -21.68
C ILE A 83 2.40 17.02 -21.19
N SER A 84 1.77 16.02 -20.57
CA SER A 84 0.35 16.18 -20.15
C SER A 84 0.10 16.95 -18.88
N PHE A 85 1.09 17.14 -17.99
CA PHE A 85 0.83 17.67 -16.68
C PHE A 85 2.17 18.14 -16.12
N TYR A 86 2.14 19.11 -15.24
CA TYR A 86 3.36 19.58 -14.54
C TYR A 86 2.99 20.29 -13.26
N MET A 87 3.89 20.25 -12.30
CA MET A 87 3.77 20.94 -11.02
C MET A 87 5.11 21.59 -10.78
N THR A 88 5.13 22.89 -10.55
CA THR A 88 6.37 23.61 -10.30
C THR A 88 6.72 23.58 -8.81
N ASN A 89 7.87 24.14 -8.54
CA ASN A 89 8.45 24.15 -7.23
C ASN A 89 8.62 25.56 -6.69
N TYR A 90 7.98 26.53 -7.34
CA TYR A 90 8.28 27.95 -7.07
C TYR A 90 7.91 28.27 -5.63
N GLY A 91 8.87 28.87 -4.94
CA GLY A 91 8.76 29.17 -3.50
C GLY A 91 9.06 28.06 -2.53
N GLU A 92 9.25 26.84 -3.01
CA GLU A 92 9.55 25.72 -2.13
C GLU A 92 10.94 25.24 -2.31
N GLU A 93 11.74 25.98 -3.07
CA GLU A 93 13.03 25.48 -3.41
C GLU A 93 13.89 25.42 -2.14
N GLY A 94 13.71 26.38 -1.26
CA GLY A 94 14.53 26.46 -0.02
C GLY A 94 14.18 25.36 0.97
N THR A 95 12.89 25.15 1.19
CA THR A 95 12.51 24.11 2.09
C THR A 95 13.08 22.79 1.68
N HIS A 96 13.09 22.50 0.40
CA HIS A 96 13.52 21.16 -0.05
C HIS A 96 14.99 20.96 -0.09
N VAL A 97 15.72 21.95 -0.59
N VAL A 97 15.72 21.92 -0.63
CA VAL A 97 17.20 21.81 -0.63
CA VAL A 97 17.19 21.74 -0.69
C VAL A 97 17.78 21.89 0.76
C VAL A 97 17.81 21.93 0.73
N GLY A 98 17.23 22.80 1.54
CA GLY A 98 17.65 23.06 2.90
C GLY A 98 17.51 21.87 3.83
N SER A 99 16.34 21.21 3.75
CA SER A 99 16.11 19.99 4.50
C SER A 99 16.91 18.80 3.99
N ALA A 100 16.97 18.65 2.68
CA ALA A 100 17.72 17.57 2.06
C ALA A 100 19.19 17.57 2.41
N ALA A 101 19.75 18.76 2.53
CA ALA A 101 21.14 18.93 2.90
C ALA A 101 21.45 18.49 4.31
N ALA A 102 20.43 18.56 5.19
CA ALA A 102 20.51 18.07 6.55
C ALA A 102 20.36 16.55 6.74
N LEU A 103 19.92 15.84 5.71
CA LEU A 103 19.78 14.44 5.82
C LEU A 103 21.03 13.69 5.45
N ASP A 104 21.13 12.45 5.90
CA ASP A 104 22.12 11.52 5.39
C ASP A 104 21.61 11.06 4.02
N ASN A 105 22.53 10.75 3.11
CA ASN A 105 22.21 10.25 1.75
C ASN A 105 21.23 9.12 1.69
N THR A 106 21.29 8.23 2.66
CA THR A 106 20.45 7.03 2.67
C THR A 106 19.19 7.16 3.53
N ASP A 107 18.93 8.32 4.11
CA ASP A 107 17.65 8.55 4.80
C ASP A 107 16.54 8.47 3.74
N LEU A 108 15.48 7.74 4.03
CA LEU A 108 14.41 7.50 3.06
C LEU A 108 13.40 8.64 3.08
N VAL A 109 13.03 9.10 1.87
CA VAL A 109 12.18 10.21 1.69
C VAL A 109 10.87 9.74 1.11
N PHE A 110 9.79 10.28 1.67
CA PHE A 110 8.42 10.10 1.12
C PHE A 110 7.90 11.50 0.88
N GLY A 111 7.10 11.72 -0.16
CA GLY A 111 6.61 13.04 -0.45
C GLY A 111 5.35 13.06 -1.28
N GLN A 112 5.12 14.21 -1.89
CA GLN A 112 3.97 14.46 -2.81
C GLN A 112 4.50 15.21 -4.05
N TYR A 113 4.06 16.43 -4.30
CA TYR A 113 4.33 17.02 -5.60
C TYR A 113 5.41 18.06 -5.62
N ARG A 114 5.86 18.53 -4.46
CA ARG A 114 6.74 19.71 -4.35
C ARG A 114 8.10 19.38 -3.84
N GLU A 115 8.46 18.14 -4.02
CA GLU A 115 9.67 17.61 -3.43
C GLU A 115 10.78 17.34 -4.46
N ALA A 116 10.63 17.80 -5.69
CA ALA A 116 11.67 17.56 -6.68
C ALA A 116 13.04 18.12 -6.28
N GLY A 117 13.08 19.20 -5.50
CA GLY A 117 14.35 19.76 -5.02
C GLY A 117 15.17 18.77 -4.21
N VAL A 118 14.49 17.85 -3.48
CA VAL A 118 15.17 16.81 -2.73
C VAL A 118 15.94 15.92 -3.71
N LEU A 119 15.27 15.47 -4.74
CA LEU A 119 15.94 14.73 -5.81
C LEU A 119 17.09 15.50 -6.43
N MET A 120 16.87 16.76 -6.69
CA MET A 120 17.86 17.58 -7.36
C MET A 120 19.11 17.69 -6.48
N TYR A 121 18.91 17.92 -5.18
CA TYR A 121 20.02 17.96 -4.25
C TYR A 121 20.77 16.64 -4.21
N ARG A 122 20.04 15.55 -4.32
CA ARG A 122 20.62 14.22 -4.41
C ARG A 122 21.15 13.81 -5.81
N ASP A 123 21.32 14.78 -6.70
CA ASP A 123 21.93 14.60 -7.99
C ASP A 123 21.16 13.67 -8.92
N TYR A 124 19.83 13.71 -8.81
CA TYR A 124 19.02 12.97 -9.76
C TYR A 124 19.23 13.61 -11.14
N PRO A 125 19.52 12.80 -12.15
CA PRO A 125 19.80 13.34 -13.48
C PRO A 125 18.59 14.06 -14.12
N LEU A 126 18.88 15.17 -14.78
CA LEU A 126 17.91 15.92 -15.59
C LEU A 126 17.25 14.95 -16.59
N GLU A 127 18.04 14.03 -17.16
CA GLU A 127 17.51 13.06 -18.12
C GLU A 127 16.36 12.25 -17.54
N LEU A 128 16.44 11.95 -16.24
CA LEU A 128 15.44 11.09 -15.61
C LEU A 128 14.22 11.88 -15.12
N PHE A 129 14.39 13.11 -14.67
CA PHE A 129 13.23 13.95 -14.44
C PHE A 129 12.42 14.02 -15.72
N MET A 130 13.13 14.32 -16.83
N MET A 130 13.10 14.27 -16.84
CA MET A 130 12.51 14.47 -18.15
CA MET A 130 12.39 14.46 -18.09
C MET A 130 11.87 13.16 -18.63
C MET A 130 11.87 13.14 -18.69
N ALA A 131 12.55 12.03 -18.44
CA ALA A 131 12.05 10.72 -18.90
C ALA A 131 10.72 10.42 -18.24
N GLN A 132 10.58 10.78 -16.96
CA GLN A 132 9.32 10.49 -16.26
C GLN A 132 8.24 11.36 -16.81
N CYS A 133 8.51 12.65 -16.96
CA CYS A 133 7.52 13.55 -17.52
C CYS A 133 7.07 13.21 -18.93
N TYR A 134 7.97 12.71 -19.76
CA TYR A 134 7.66 12.27 -21.11
C TYR A 134 7.19 10.81 -21.23
N GLY A 135 7.31 10.03 -20.15
CA GLY A 135 6.98 8.59 -20.22
C GLY A 135 7.81 7.86 -21.26
N ASN A 136 9.07 8.24 -21.41
CA ASN A 136 9.88 7.64 -22.50
C ASN A 136 10.61 6.41 -22.05
N ILE A 137 11.34 5.77 -23.00
CA ILE A 137 12.00 4.51 -22.74
C ILE A 137 13.06 4.57 -21.63
N SER A 138 13.61 5.72 -21.32
CA SER A 138 14.57 5.80 -20.24
C SER A 138 13.91 5.85 -18.84
N ASP A 139 12.60 5.98 -18.80
CA ASP A 139 11.91 6.13 -17.47
C ASP A 139 11.96 4.80 -16.73
N LEU A 140 12.59 4.74 -15.56
CA LEU A 140 12.55 3.50 -14.78
C LEU A 140 11.12 3.14 -14.29
N GLY A 141 10.20 4.13 -14.27
CA GLY A 141 8.78 3.94 -13.97
C GLY A 141 8.01 3.43 -15.15
N LYS A 142 8.71 3.19 -16.27
CA LYS A 142 8.16 2.58 -17.44
C LYS A 142 6.97 3.33 -18.05
N GLY A 143 6.94 4.63 -17.85
CA GLY A 143 5.91 5.46 -18.42
C GLY A 143 4.50 5.33 -17.84
N ARG A 144 4.39 4.71 -16.66
CA ARG A 144 3.08 4.28 -16.19
C ARG A 144 2.31 5.35 -15.40
N GLN A 145 2.98 6.23 -14.74
CA GLN A 145 2.32 7.32 -13.99
C GLN A 145 2.35 8.64 -14.69
N MET A 146 1.50 9.51 -14.18
CA MET A 146 1.42 10.88 -14.60
C MET A 146 2.74 11.61 -14.35
N PRO A 147 3.01 12.66 -15.14
CA PRO A 147 4.23 13.46 -14.92
C PRO A 147 4.37 13.93 -13.48
N VAL A 148 5.61 14.15 -13.12
CA VAL A 148 6.11 14.53 -11.81
C VAL A 148 5.88 13.55 -10.67
N HIS A 149 5.55 12.30 -11.02
CA HIS A 149 5.40 11.24 -10.03
C HIS A 149 6.72 10.49 -9.98
N TYR A 150 7.71 11.19 -9.48
CA TYR A 150 9.08 10.73 -9.51
C TYR A 150 9.35 9.67 -8.44
N GLY A 151 10.38 8.88 -8.70
CA GLY A 151 10.90 7.94 -7.72
C GLY A 151 12.30 7.46 -8.09
N CYS A 152 13.10 7.14 -7.07
CA CYS A 152 14.47 6.69 -7.29
C CYS A 152 14.90 5.75 -6.16
N LYS A 153 15.08 4.49 -6.48
CA LYS A 153 15.56 3.55 -5.46
C LYS A 153 16.97 3.90 -5.05
N GLU A 154 17.81 4.25 -6.03
N GLU A 154 17.81 4.23 -6.03
CA GLU A 154 19.22 4.52 -5.74
CA GLU A 154 19.23 4.51 -5.74
C GLU A 154 19.39 5.67 -4.78
C GLU A 154 19.38 5.67 -4.77
N ARG A 155 18.50 6.67 -4.89
CA ARG A 155 18.55 7.84 -4.06
C ARG A 155 17.46 7.86 -2.94
N HIS A 156 16.90 6.71 -2.67
CA HIS A 156 16.04 6.52 -1.48
C HIS A 156 14.93 7.58 -1.42
N PHE A 157 14.27 7.70 -2.56
CA PHE A 157 13.15 8.62 -2.79
C PHE A 157 12.00 7.79 -3.29
N VAL A 158 11.03 7.52 -2.38
CA VAL A 158 9.95 6.59 -2.69
C VAL A 158 8.98 7.23 -3.69
N THR A 159 8.64 6.46 -4.70
CA THR A 159 7.79 6.87 -5.80
C THR A 159 6.52 7.57 -5.27
N ILE A 160 6.32 8.78 -5.77
N ILE A 160 6.31 8.76 -5.79
CA ILE A 160 5.15 9.60 -5.50
CA ILE A 160 5.12 9.55 -5.52
C ILE A 160 3.86 9.02 -6.08
C ILE A 160 3.86 8.88 -6.04
N SER A 161 2.76 9.09 -5.32
CA SER A 161 1.45 8.66 -5.82
C SER A 161 0.47 9.84 -5.67
N SER A 162 -0.54 9.91 -6.53
CA SER A 162 -1.49 11.03 -6.50
C SER A 162 -2.33 11.13 -5.25
N PRO A 163 -2.86 10.03 -4.69
CA PRO A 163 -3.72 10.19 -3.51
C PRO A 163 -3.02 10.89 -2.35
N LEU A 164 -3.64 11.98 -1.88
CA LEU A 164 -3.01 12.78 -0.83
C LEU A 164 -2.91 12.06 0.49
N ALA A 165 -1.76 12.26 1.12
CA ALA A 165 -1.44 11.84 2.49
C ALA A 165 -1.26 10.33 2.70
N THR A 166 -1.36 9.51 1.66
CA THR A 166 -1.21 8.11 1.83
C THR A 166 0.19 7.67 2.22
N GLN A 167 1.17 8.50 1.87
CA GLN A 167 2.55 8.28 2.22
C GLN A 167 2.85 8.47 3.67
N ILE A 168 1.99 9.18 4.42
CA ILE A 168 2.28 9.52 5.82
C ILE A 168 2.39 8.28 6.75
N PRO A 169 1.37 7.40 6.81
CA PRO A 169 1.49 6.23 7.69
C PRO A 169 2.50 5.23 7.10
N GLN A 170 2.68 5.21 5.79
CA GLN A 170 3.72 4.37 5.14
C GLN A 170 5.10 4.80 5.62
N ALA A 171 5.35 6.09 5.64
CA ALA A 171 6.63 6.61 6.13
C ALA A 171 6.87 6.17 7.58
N VAL A 172 5.84 6.19 8.40
CA VAL A 172 5.97 5.73 9.75
C VAL A 172 6.35 4.23 9.83
N GLY A 173 5.73 3.38 9.02
CA GLY A 173 6.06 1.97 8.96
C GLY A 173 7.50 1.78 8.57
N ALA A 174 7.95 2.53 7.58
CA ALA A 174 9.34 2.42 7.18
C ALA A 174 10.26 2.81 8.29
N ALA A 175 9.90 3.84 9.08
CA ALA A 175 10.69 4.28 10.17
C ALA A 175 10.73 3.21 11.30
N TYR A 176 9.59 2.54 11.56
CA TYR A 176 9.53 1.50 12.56
C TYR A 176 10.49 0.36 12.13
N ALA A 177 10.44 0.01 10.86
CA ALA A 177 11.32 -1.01 10.32
C ALA A 177 12.81 -0.60 10.46
N ALA A 178 13.10 0.69 10.24
CA ALA A 178 14.49 1.18 10.35
C ALA A 178 14.95 1.09 11.79
N LYS A 179 14.07 1.39 12.74
CA LYS A 179 14.39 1.30 14.15
C LYS A 179 14.82 -0.14 14.48
N ARG A 180 14.05 -1.11 14.01
N ARG A 180 14.05 -1.10 14.00
CA ARG A 180 14.33 -2.51 14.30
CA ARG A 180 14.30 -2.51 14.27
C ARG A 180 15.65 -2.93 13.69
C ARG A 180 15.58 -3.01 13.64
N ALA A 181 15.92 -2.47 12.47
CA ALA A 181 17.10 -2.87 11.72
C ALA A 181 18.36 -2.28 12.38
N ASN A 182 18.16 -1.32 13.28
CA ASN A 182 19.24 -0.71 14.05
C ASN A 182 20.23 -0.04 13.13
N ALA A 183 19.72 1.04 12.57
CA ALA A 183 20.09 1.56 11.30
C ALA A 183 20.97 2.82 11.35
N ASN A 184 20.76 3.66 12.35
CA ASN A 184 21.12 5.05 12.21
C ASN A 184 20.56 5.63 10.89
N ARG A 185 19.30 5.39 10.67
CA ARG A 185 18.60 5.98 9.53
C ARG A 185 17.34 6.64 10.06
N VAL A 186 16.99 7.76 9.43
N VAL A 186 16.93 7.67 9.36
CA VAL A 186 15.75 8.49 9.65
CA VAL A 186 15.71 8.40 9.68
C VAL A 186 14.90 8.31 8.40
C VAL A 186 14.92 8.50 8.41
N VAL A 187 13.61 8.57 8.56
CA VAL A 187 12.73 8.75 7.44
C VAL A 187 12.22 10.17 7.53
N ILE A 188 12.10 10.84 6.38
CA ILE A 188 11.39 12.14 6.30
C ILE A 188 10.19 11.97 5.39
N CYS A 189 9.10 12.62 5.79
CA CYS A 189 7.83 12.56 5.08
C CYS A 189 7.30 13.97 4.89
N TYR A 190 7.26 14.42 3.63
CA TYR A 190 6.86 15.76 3.25
C TYR A 190 5.37 15.74 2.87
N PHE A 191 4.67 16.77 3.25
CA PHE A 191 3.24 16.90 2.87
C PHE A 191 2.83 18.36 3.09
N GLY A 192 1.71 18.75 2.48
CA GLY A 192 1.15 20.08 2.67
C GLY A 192 0.14 20.14 3.74
N GLU A 193 -0.30 21.38 4.01
CA GLU A 193 -1.27 21.62 5.06
C GLU A 193 -2.61 21.05 4.74
N GLY A 194 -2.96 20.99 3.46
CA GLY A 194 -4.13 20.30 2.97
C GLY A 194 -4.14 18.83 3.24
N ALA A 195 -3.09 18.14 2.79
CA ALA A 195 -2.93 16.74 3.10
C ALA A 195 -3.04 16.39 4.61
N ALA A 196 -2.65 17.31 5.47
CA ALA A 196 -2.73 17.10 6.91
C ALA A 196 -4.17 16.97 7.42
N SER A 197 -5.15 17.37 6.59
CA SER A 197 -6.58 17.19 6.92
C SER A 197 -7.05 15.73 6.71
N GLU A 198 -6.32 14.96 5.93
CA GLU A 198 -6.73 13.58 5.66
C GLU A 198 -6.62 12.69 6.86
N GLY A 199 -7.46 11.67 6.94
CA GLY A 199 -7.38 10.75 8.07
C GLY A 199 -6.03 10.10 8.17
N ASP A 200 -5.41 9.81 7.02
CA ASP A 200 -4.09 9.16 7.03
C ASP A 200 -3.02 9.96 7.72
N ALA A 201 -3.18 11.29 7.75
CA ALA A 201 -2.29 12.12 8.51
C ALA A 201 -2.38 11.88 10.03
N HIS A 202 -3.60 11.84 10.54
CA HIS A 202 -3.88 11.52 11.93
C HIS A 202 -3.32 10.16 12.30
N ALA A 203 -3.50 9.17 11.44
CA ALA A 203 -2.91 7.85 11.62
C ALA A 203 -1.40 7.92 11.75
N GLY A 204 -0.74 8.55 10.82
CA GLY A 204 0.69 8.66 10.84
C GLY A 204 1.24 9.32 12.06
N PHE A 205 0.67 10.45 12.41
CA PHE A 205 1.18 11.19 13.52
C PHE A 205 1.03 10.34 14.77
N ASN A 206 -0.15 9.73 14.97
CA ASN A 206 -0.40 9.00 16.19
C ASN A 206 0.43 7.72 16.29
N PHE A 207 0.50 6.98 15.19
CA PHE A 207 1.31 5.81 15.17
C PHE A 207 2.78 6.14 15.44
N ALA A 208 3.29 7.21 14.89
CA ALA A 208 4.75 7.54 15.07
C ALA A 208 5.09 7.79 16.51
N ALA A 209 4.17 8.47 17.20
CA ALA A 209 4.32 8.72 18.64
C ALA A 209 4.15 7.48 19.49
N THR A 210 3.11 6.70 19.29
CA THR A 210 2.84 5.59 20.19
C THR A 210 3.78 4.44 19.93
N LEU A 211 4.28 4.33 18.70
CA LEU A 211 5.21 3.29 18.36
C LEU A 211 6.69 3.75 18.39
N GLU A 212 6.97 5.01 18.70
CA GLU A 212 8.29 5.54 18.92
C GLU A 212 9.19 5.38 17.68
N CYS A 213 8.82 6.05 16.59
CA CYS A 213 9.48 5.92 15.32
C CYS A 213 10.40 7.10 15.01
N PRO A 214 11.58 6.83 14.45
CA PRO A 214 12.54 7.87 14.06
C PRO A 214 12.14 8.50 12.70
N ILE A 215 11.18 9.41 12.76
CA ILE A 215 10.64 10.08 11.58
C ILE A 215 10.52 11.56 11.74
N ILE A 216 10.84 12.29 10.67
CA ILE A 216 10.63 13.74 10.59
C ILE A 216 9.39 13.96 9.70
N PHE A 217 8.35 14.56 10.25
CA PHE A 217 7.18 15.00 9.46
C PHE A 217 7.49 16.47 9.05
N PHE A 218 7.53 16.73 7.76
CA PHE A 218 7.89 18.03 7.18
C PHE A 218 6.68 18.57 6.46
N CYS A 219 5.98 19.47 7.15
CA CYS A 219 4.72 20.01 6.64
C CYS A 219 4.97 21.37 6.00
N ARG A 220 4.65 21.48 4.72
N ARG A 220 4.57 21.51 4.75
CA ARG A 220 4.72 22.74 4.00
CA ARG A 220 4.79 22.72 4.00
C ARG A 220 3.42 23.48 4.26
C ARG A 220 3.50 23.52 4.09
N ASN A 221 3.53 24.65 4.81
CA ASN A 221 2.35 25.46 4.98
C ASN A 221 2.50 26.72 4.11
N ASN A 222 1.78 26.74 3.01
CA ASN A 222 1.74 27.91 2.13
C ASN A 222 0.38 28.60 2.25
N SER A 231 -7.67 28.52 6.37
CA SER A 231 -8.90 29.08 6.96
C SER A 231 -10.03 28.03 6.84
N GLU A 232 -10.07 27.44 5.64
CA GLU A 232 -10.97 26.34 5.28
C GLU A 232 -10.38 24.93 5.63
N GLN A 233 -9.12 24.93 6.01
CA GLN A 233 -8.37 23.72 6.24
C GLN A 233 -8.21 23.37 7.72
N TYR A 234 -7.99 24.39 8.56
CA TYR A 234 -7.88 24.21 9.99
C TYR A 234 -8.27 25.50 10.71
N ARG A 235 -8.51 25.38 12.02
CA ARG A 235 -8.85 26.54 12.85
C ARG A 235 -7.89 26.76 14.00
N GLY A 236 -7.03 25.81 14.28
CA GLY A 236 -6.03 26.05 15.29
C GLY A 236 -4.85 26.78 14.64
N ASP A 237 -3.77 26.88 15.41
CA ASP A 237 -2.59 27.61 14.98
C ASP A 237 -1.75 26.75 14.04
N GLY A 238 -2.22 26.59 12.82
CA GLY A 238 -1.48 25.83 11.81
C GLY A 238 -1.32 24.34 12.20
N ILE A 239 -0.37 23.69 11.55
CA ILE A 239 -0.12 22.27 11.81
C ILE A 239 0.83 22.04 13.01
N ALA A 240 1.76 22.96 13.28
CA ALA A 240 2.71 22.75 14.33
C ALA A 240 1.98 22.66 15.67
N ALA A 241 0.84 23.36 15.77
CA ALA A 241 0.12 23.34 17.06
C ALA A 241 -0.55 22.01 17.35
N ARG A 242 -0.71 21.17 16.34
CA ARG A 242 -1.18 19.82 16.55
C ARG A 242 -0.16 18.85 17.15
N GLY A 243 1.13 19.12 16.97
CA GLY A 243 2.16 18.18 17.37
C GLY A 243 2.10 17.82 18.84
N PRO A 244 2.14 18.80 19.70
CA PRO A 244 2.10 18.54 21.17
C PRO A 244 0.95 17.63 21.60
N GLY A 245 -0.20 17.79 20.99
CA GLY A 245 -1.36 16.99 21.34
C GLY A 245 -1.18 15.50 21.02
N TYR A 246 -0.30 15.20 20.06
CA TYR A 246 0.07 13.82 19.74
C TYR A 246 1.30 13.36 20.53
N GLY A 247 1.88 14.25 21.32
CA GLY A 247 3.14 13.97 22.00
C GLY A 247 4.32 14.05 21.07
N ILE A 248 4.24 14.89 20.05
CA ILE A 248 5.31 15.05 19.07
C ILE A 248 6.02 16.40 19.26
N MET A 249 7.35 16.37 19.37
CA MET A 249 8.18 17.57 19.36
C MET A 249 8.03 18.33 18.06
N SER A 250 7.73 19.61 18.12
CA SER A 250 7.33 20.40 16.97
C SER A 250 8.05 21.73 16.89
N ILE A 251 8.19 22.23 15.70
CA ILE A 251 8.72 23.57 15.47
C ILE A 251 8.14 24.18 14.20
N ARG A 252 8.08 25.49 14.16
CA ARG A 252 7.72 26.26 13.01
C ARG A 252 8.93 27.08 12.50
N VAL A 253 9.19 26.96 11.20
CA VAL A 253 10.37 27.61 10.61
C VAL A 253 9.96 28.46 9.43
N ASP A 254 10.81 29.44 9.13
CA ASP A 254 10.71 30.23 7.89
C ASP A 254 11.18 29.46 6.66
N GLY A 255 10.22 29.07 5.82
CA GLY A 255 10.48 28.24 4.66
C GLY A 255 11.19 28.99 3.55
N ASN A 256 11.31 30.32 3.65
CA ASN A 256 12.12 31.12 2.72
C ASN A 256 13.56 31.21 3.15
N ASP A 257 13.89 30.62 4.29
CA ASP A 257 15.22 30.66 4.89
C ASP A 257 15.85 29.29 4.91
N VAL A 258 16.72 29.02 3.93
N VAL A 258 16.73 29.08 3.95
CA VAL A 258 17.38 27.72 3.84
CA VAL A 258 17.37 27.79 3.77
C VAL A 258 18.14 27.34 5.08
C VAL A 258 18.17 27.37 5.01
N PHE A 259 18.73 28.31 5.78
CA PHE A 259 19.47 27.97 6.98
C PHE A 259 18.62 27.61 8.19
N ALA A 260 17.52 28.30 8.36
CA ALA A 260 16.51 27.91 9.35
C ALA A 260 15.96 26.48 9.11
N VAL A 261 15.61 26.19 7.89
CA VAL A 261 15.21 24.85 7.52
C VAL A 261 16.28 23.85 7.80
N TYR A 262 17.51 24.12 7.36
CA TYR A 262 18.62 23.22 7.56
C TYR A 262 18.81 22.93 9.04
N ASN A 263 18.90 23.98 9.83
CA ASN A 263 19.15 23.81 11.24
C ASN A 263 18.08 22.96 11.90
N ALA A 264 16.81 23.30 11.65
CA ALA A 264 15.72 22.51 12.24
C ALA A 264 15.75 21.05 11.80
N THR A 265 16.04 20.79 10.53
CA THR A 265 16.08 19.39 10.00
C THR A 265 17.25 18.65 10.63
N LYS A 266 18.40 19.35 10.73
CA LYS A 266 19.57 18.72 11.27
C LYS A 266 19.39 18.27 12.69
N GLU A 267 18.81 19.12 13.53
CA GLU A 267 18.60 18.78 14.91
C GLU A 267 17.47 17.73 15.09
N ALA A 268 16.42 17.86 14.30
CA ALA A 268 15.36 16.85 14.29
C ALA A 268 15.90 15.50 13.94
N ARG A 269 16.80 15.45 12.96
CA ARG A 269 17.31 14.17 12.52
C ARG A 269 18.15 13.55 13.63
N ARG A 270 18.98 14.39 14.25
CA ARG A 270 19.88 13.88 15.28
C ARG A 270 19.08 13.32 16.44
N ARG A 271 18.08 14.06 16.88
CA ARG A 271 17.26 13.58 17.97
C ARG A 271 16.35 12.41 17.60
N ALA A 272 15.72 12.47 16.42
CA ALA A 272 14.81 11.40 16.03
C ALA A 272 15.55 10.03 16.05
N VAL A 273 16.79 10.03 15.53
N VAL A 273 16.76 9.97 15.47
CA VAL A 273 17.55 8.82 15.32
CA VAL A 273 17.45 8.69 15.37
C VAL A 273 18.06 8.29 16.66
C VAL A 273 17.99 8.26 16.74
N ALA A 274 18.43 9.20 17.55
CA ALA A 274 18.99 8.84 18.86
C ALA A 274 17.91 8.40 19.77
N GLU A 275 16.75 9.06 19.72
CA GLU A 275 15.73 8.89 20.73
C GLU A 275 14.54 8.06 20.28
N ASN A 276 14.51 7.67 19.00
CA ASN A 276 13.37 6.99 18.39
C ASN A 276 12.07 7.69 18.71
N GLN A 277 12.07 8.96 18.36
CA GLN A 277 10.86 9.75 18.50
C GLN A 277 10.64 10.65 17.30
N PRO A 278 9.38 10.92 17.00
CA PRO A 278 9.07 11.75 15.86
C PRO A 278 9.26 13.22 16.10
N PHE A 279 9.53 13.98 15.04
CA PHE A 279 9.58 15.43 15.08
C PHE A 279 8.73 15.98 13.96
N LEU A 280 8.05 17.10 14.22
CA LEU A 280 7.27 17.83 13.25
C LEU A 280 7.86 19.21 13.01
N ILE A 281 8.21 19.48 11.75
CA ILE A 281 8.59 20.79 11.31
C ILE A 281 7.55 21.33 10.38
N GLU A 282 7.05 22.52 10.68
CA GLU A 282 6.10 23.20 9.80
C GLU A 282 6.84 24.37 9.18
N ALA A 283 7.08 24.31 7.89
CA ALA A 283 7.80 25.35 7.18
C ALA A 283 6.78 26.27 6.54
N MET A 284 6.84 27.54 6.90
CA MET A 284 5.93 28.58 6.37
C MET A 284 6.53 29.15 5.06
N THR A 285 5.75 29.06 4.02
CA THR A 285 6.15 29.49 2.70
C THR A 285 5.02 30.31 2.09
N TYR A 286 5.20 30.78 0.85
CA TYR A 286 4.15 31.63 0.19
C TYR A 286 3.43 30.94 -0.97
N HIS A 314 11.81 35.77 -1.46
CA HIS A 314 12.03 34.46 -2.12
C HIS A 314 13.27 33.73 -1.54
N PRO A 315 13.20 32.40 -1.31
CA PRO A 315 14.36 31.66 -0.80
C PRO A 315 15.61 31.85 -1.67
N ILE A 316 15.43 31.90 -2.99
CA ILE A 316 16.57 31.96 -3.92
C ILE A 316 17.27 33.30 -3.81
N SER A 317 16.48 34.35 -3.79
CA SER A 317 17.01 35.72 -3.55
C SER A 317 17.76 35.89 -2.26
N ARG A 318 17.21 35.33 -1.19
CA ARG A 318 17.78 35.49 0.12
C ARG A 318 19.13 34.76 0.17
N LEU A 319 19.17 33.54 -0.38
CA LEU A 319 20.42 32.79 -0.44
C LEU A 319 21.51 33.48 -1.30
N ARG A 320 21.09 34.02 -2.43
CA ARG A 320 21.98 34.81 -3.28
C ARG A 320 22.59 36.02 -2.52
N HIS A 321 21.81 36.72 -1.71
CA HIS A 321 22.36 37.83 -0.89
C HIS A 321 23.38 37.33 0.10
N TYR A 322 23.09 36.18 0.70
CA TYR A 322 24.07 35.57 1.56
C TYR A 322 25.39 35.28 0.85
N LEU A 323 25.34 34.63 -0.32
CA LEU A 323 26.55 34.36 -1.08
C LEU A 323 27.39 35.63 -1.37
N LEU A 324 26.77 36.68 -1.85
CA LEU A 324 27.50 37.94 -2.06
C LEU A 324 28.24 38.46 -0.78
N SER A 325 27.58 38.40 0.39
CA SER A 325 28.11 38.94 1.63
C SER A 325 29.37 38.16 2.00
N GLN A 326 29.46 36.90 1.60
CA GLN A 326 30.67 36.12 1.92
C GLN A 326 31.78 36.27 0.86
N GLY A 327 31.47 36.93 -0.23
CA GLY A 327 32.34 36.95 -1.39
C GLY A 327 32.33 35.68 -2.17
N TRP A 328 31.20 34.94 -2.15
CA TRP A 328 31.15 33.62 -2.74
C TRP A 328 30.43 33.61 -4.10
N TRP A 329 29.94 34.76 -4.53
CA TRP A 329 29.26 34.83 -5.85
C TRP A 329 29.29 36.29 -6.29
N ASP A 330 29.01 36.51 -7.56
CA ASP A 330 28.95 37.85 -8.14
C ASP A 330 28.13 37.73 -9.42
N GLU A 331 27.94 38.87 -10.08
CA GLU A 331 27.12 38.94 -11.30
C GLU A 331 27.65 38.15 -12.47
N GLU A 332 28.97 38.10 -12.65
CA GLU A 332 29.53 37.28 -13.73
C GLU A 332 29.28 35.77 -13.53
N GLN A 333 29.43 35.33 -12.29
CA GLN A 333 29.10 33.95 -11.95
C GLN A 333 27.61 33.67 -12.14
N GLU A 334 26.76 34.59 -11.75
CA GLU A 334 25.34 34.45 -11.90
C GLU A 334 24.96 34.28 -13.41
N LYS A 335 25.57 35.10 -14.25
CA LYS A 335 25.33 35.09 -15.69
C LYS A 335 25.81 33.80 -16.34
N ALA A 336 27.02 33.36 -16.04
CA ALA A 336 27.55 32.13 -16.58
C ALA A 336 26.72 30.92 -16.12
N TRP A 337 26.26 30.97 -14.88
CA TRP A 337 25.53 29.82 -14.31
C TRP A 337 24.14 29.73 -14.93
N ARG A 338 23.44 30.86 -15.05
CA ARG A 338 22.16 30.89 -15.74
C ARG A 338 22.25 30.32 -17.17
N LYS A 339 23.31 30.68 -17.91
CA LYS A 339 23.57 30.15 -19.27
C LYS A 339 23.87 28.65 -19.26
N GLN A 340 24.72 28.20 -18.35
CA GLN A 340 25.10 26.79 -18.29
C GLN A 340 23.89 25.93 -17.91
N SER A 341 23.11 26.40 -16.96
CA SER A 341 21.89 25.71 -16.46
C SER A 341 20.87 25.55 -17.55
N ARG A 342 20.66 26.64 -18.26
CA ARG A 342 19.71 26.62 -19.34
C ARG A 342 20.18 25.63 -20.40
N ARG A 343 21.47 25.64 -20.75
CA ARG A 343 21.95 24.68 -21.74
C ARG A 343 21.78 23.23 -21.26
N LYS A 344 22.10 22.95 -19.99
CA LYS A 344 21.98 21.59 -19.44
C LYS A 344 20.51 21.10 -19.52
N VAL A 345 19.59 21.97 -19.14
CA VAL A 345 18.19 21.62 -19.14
C VAL A 345 17.68 21.44 -20.56
N MET A 346 18.03 22.34 -21.48
CA MET A 346 17.56 22.25 -22.84
C MET A 346 18.10 20.97 -23.54
N GLU A 347 19.33 20.57 -23.27
CA GLU A 347 19.90 19.35 -23.84
C GLU A 347 19.11 18.14 -23.36
N ALA A 348 18.85 18.09 -22.05
CA ALA A 348 18.03 16.99 -21.52
C ALA A 348 16.64 16.97 -22.12
N PHE A 349 16.02 18.14 -22.24
CA PHE A 349 14.69 18.31 -22.77
C PHE A 349 14.55 17.80 -24.23
N GLU A 350 15.47 18.25 -25.07
CA GLU A 350 15.48 17.83 -26.48
C GLU A 350 15.70 16.33 -26.64
N GLN A 351 16.64 15.77 -25.89
CA GLN A 351 16.88 14.33 -25.86
C GLN A 351 15.62 13.56 -25.41
N ALA A 352 14.95 14.07 -24.38
CA ALA A 352 13.82 13.37 -23.79
C ALA A 352 12.67 13.34 -24.78
N GLU A 353 12.49 14.43 -25.52
CA GLU A 353 11.42 14.48 -26.52
C GLU A 353 11.61 13.56 -27.69
N ARG A 354 12.84 13.26 -28.01
CA ARG A 354 13.13 12.52 -29.22
C ARG A 354 13.18 11.04 -28.97
N LYS A 355 13.27 10.62 -27.72
CA LYS A 355 13.21 9.20 -27.36
C LYS A 355 11.87 8.58 -27.65
N PRO A 356 11.85 7.34 -28.08
CA PRO A 356 10.58 6.60 -28.20
C PRO A 356 9.96 6.34 -26.79
N LYS A 357 8.67 6.03 -26.76
CA LYS A 357 8.02 5.57 -25.54
C LYS A 357 8.38 4.09 -25.36
N PRO A 358 8.14 3.51 -24.18
CA PRO A 358 8.46 2.10 -23.94
C PRO A 358 7.63 1.13 -24.74
N ASN A 359 8.08 -0.13 -24.77
CA ASN A 359 7.32 -1.22 -25.42
C ASN A 359 5.93 -1.31 -24.75
N PRO A 360 4.84 -1.28 -25.50
CA PRO A 360 3.49 -1.48 -24.94
C PRO A 360 3.28 -2.75 -24.12
N ASN A 361 4.13 -3.74 -24.32
CA ASN A 361 4.15 -4.88 -23.42
C ASN A 361 4.37 -4.52 -21.97
N LEU A 362 4.99 -3.38 -21.71
CA LEU A 362 5.25 -2.99 -20.33
C LEU A 362 3.98 -2.55 -19.61
N LEU A 363 2.89 -2.43 -20.36
N LEU A 363 2.85 -2.42 -20.29
CA LEU A 363 1.55 -2.25 -19.83
CA LEU A 363 1.63 -2.13 -19.53
C LEU A 363 1.14 -3.34 -18.81
C LEU A 363 1.14 -3.35 -18.73
N PHE A 364 1.64 -4.56 -19.03
CA PHE A 364 1.26 -5.75 -18.30
C PHE A 364 2.20 -6.25 -17.19
N SER A 365 3.45 -5.81 -17.18
CA SER A 365 4.39 -6.34 -16.19
C SER A 365 4.29 -5.52 -14.94
N ASP A 366 4.76 -6.13 -13.84
CA ASP A 366 4.84 -5.53 -12.49
C ASP A 366 3.48 -5.28 -11.82
N VAL A 367 2.42 -5.77 -12.41
CA VAL A 367 1.09 -5.76 -11.75
C VAL A 367 1.20 -6.61 -10.50
N TYR A 368 1.73 -7.82 -10.69
CA TYR A 368 2.22 -8.67 -9.62
C TYR A 368 3.72 -8.81 -9.92
N GLN A 369 4.52 -9.35 -9.01
CA GLN A 369 5.93 -9.57 -9.33
C GLN A 369 5.98 -10.40 -10.62
N GLU A 370 5.39 -11.57 -10.57
CA GLU A 370 5.27 -12.50 -11.70
C GLU A 370 4.12 -12.03 -12.49
N MET A 371 3.93 -12.57 -13.69
N MET A 371 3.96 -12.51 -13.74
CA MET A 371 2.75 -12.23 -14.46
CA MET A 371 2.74 -12.24 -14.53
C MET A 371 1.78 -13.41 -14.50
C MET A 371 1.81 -13.45 -14.43
N PRO A 372 0.60 -13.26 -13.89
CA PRO A 372 -0.38 -14.35 -13.87
C PRO A 372 -0.72 -14.82 -15.30
N ALA A 373 -0.94 -16.12 -15.46
CA ALA A 373 -1.23 -16.67 -16.78
C ALA A 373 -2.40 -15.95 -17.43
N GLN A 374 -3.41 -15.54 -16.66
CA GLN A 374 -4.52 -14.87 -17.27
C GLN A 374 -4.19 -13.44 -17.73
N LEU A 375 -3.22 -12.80 -17.08
CA LEU A 375 -2.77 -11.52 -17.54
C LEU A 375 -1.89 -11.66 -18.80
N ARG A 376 -1.08 -12.69 -18.85
CA ARG A 376 -0.33 -13.02 -20.09
C ARG A 376 -1.28 -13.28 -21.28
N LYS A 377 -2.41 -13.90 -21.02
CA LYS A 377 -3.42 -14.08 -22.05
C LYS A 377 -3.90 -12.76 -22.60
N GLN A 378 -4.07 -11.75 -21.72
CA GLN A 378 -4.46 -10.41 -22.17
C GLN A 378 -3.40 -9.72 -23.01
N GLN A 379 -2.14 -9.93 -22.63
CA GLN A 379 -0.96 -9.41 -23.31
C GLN A 379 -0.87 -10.05 -24.71
N GLU A 380 -1.11 -11.36 -24.77
CA GLU A 380 -1.16 -12.09 -26.06
C GLU A 380 -2.33 -11.57 -26.91
N SER A 381 -3.48 -11.31 -26.31
CA SER A 381 -4.63 -10.73 -27.01
C SER A 381 -4.30 -9.36 -27.64
N LEU A 382 -3.55 -8.54 -26.90
CA LEU A 382 -3.11 -7.27 -27.44
C LEU A 382 -2.20 -7.46 -28.65
N ALA A 383 -1.27 -8.39 -28.55
CA ALA A 383 -0.30 -8.60 -29.64
C ALA A 383 -1.02 -9.10 -30.90
N ARG A 384 -1.99 -9.99 -30.74
CA ARG A 384 -2.80 -10.47 -31.87
C ARG A 384 -3.59 -9.32 -32.44
N HIS A 385 -4.13 -8.48 -31.60
CA HIS A 385 -4.87 -7.34 -32.07
C HIS A 385 -4.01 -6.34 -32.90
N LEU A 386 -2.78 -6.08 -32.46
CA LEU A 386 -1.93 -5.11 -33.13
C LEU A 386 -1.46 -5.67 -34.48
N GLN A 387 -1.32 -6.97 -34.57
CA GLN A 387 -0.98 -7.61 -35.85
C GLN A 387 -2.03 -7.32 -36.92
N THR A 388 -3.29 -7.28 -36.54
CA THR A 388 -4.38 -7.06 -37.47
C THR A 388 -4.74 -5.62 -37.59
N TYR A 389 -4.75 -4.87 -36.49
CA TYR A 389 -5.31 -3.51 -36.47
C TYR A 389 -4.24 -2.42 -36.20
N GLY A 390 -2.97 -2.77 -36.29
CA GLY A 390 -1.89 -1.88 -35.84
C GLY A 390 -1.79 -0.49 -36.46
N GLU A 391 -2.20 -0.38 -37.72
CA GLU A 391 -2.21 0.89 -38.42
C GLU A 391 -3.05 1.91 -37.66
N HIS A 392 -3.97 1.48 -36.80
CA HIS A 392 -4.81 2.43 -36.03
C HIS A 392 -4.19 2.87 -34.68
N TYR A 393 -2.95 2.49 -34.42
CA TYR A 393 -2.27 2.70 -33.12
C TYR A 393 -0.94 3.36 -33.41
N PRO A 394 -0.41 4.14 -32.47
CA PRO A 394 0.90 4.83 -32.68
C PRO A 394 2.16 3.96 -32.49
N LEU A 395 2.24 2.83 -33.20
CA LEU A 395 3.29 1.86 -32.95
C LEU A 395 4.72 2.43 -33.16
N ASP A 396 4.82 3.44 -34.03
CA ASP A 396 6.12 3.98 -34.44
C ASP A 396 6.78 4.85 -33.38
N HIS A 397 5.96 5.31 -32.43
CA HIS A 397 6.40 6.15 -31.34
C HIS A 397 6.78 5.31 -30.13
N PHE A 398 6.52 4.00 -30.16
CA PHE A 398 6.81 3.12 -29.04
C PHE A 398 7.86 2.11 -29.42
N ASP A 399 8.70 1.78 -28.46
CA ASP A 399 9.77 0.82 -28.67
C ASP A 399 9.22 -0.54 -29.16
N LYS A 400 10.07 -1.19 -29.98
CA LYS A 400 9.90 -2.48 -30.63
C LYS A 400 8.65 -2.53 -31.49
N ALA B 2 -26.17 -26.08 13.72
CA ALA B 2 -25.12 -25.44 12.86
C ALA B 2 -25.44 -25.74 11.40
N HIS B 3 -25.09 -24.84 10.49
CA HIS B 3 -25.46 -24.98 9.09
C HIS B 3 -24.50 -25.82 8.26
N PHE B 4 -23.38 -26.22 8.86
CA PHE B 4 -22.36 -26.99 8.15
C PHE B 4 -21.88 -28.04 9.09
N THR B 5 -21.20 -29.04 8.53
CA THR B 5 -20.46 -30.02 9.30
C THR B 5 -19.05 -30.13 8.74
N PHE B 6 -18.04 -29.91 9.60
CA PHE B 6 -16.66 -30.03 9.17
C PHE B 6 -16.21 -31.50 9.20
N GLN B 7 -15.49 -31.95 8.19
CA GLN B 7 -15.10 -33.37 8.12
C GLN B 7 -13.62 -33.75 8.16
N PRO B 8 -12.92 -33.71 7.03
CA PRO B 8 -11.74 -34.60 6.84
C PRO B 8 -10.50 -34.08 7.55
N GLU B 14 3.18 -37.46 5.46
CA GLU B 14 3.47 -36.72 4.23
C GLU B 14 4.20 -35.40 4.48
N TYR B 15 3.99 -34.75 5.64
CA TYR B 15 4.71 -33.50 5.97
C TYR B 15 5.39 -33.51 7.34
N GLY B 16 5.75 -34.69 7.82
CA GLY B 16 6.38 -34.82 9.12
C GLY B 16 5.33 -34.91 10.21
N GLN B 17 5.77 -34.74 11.44
CA GLN B 17 4.94 -34.85 12.60
C GLN B 17 3.74 -33.85 12.54
N THR B 18 2.56 -34.31 12.90
CA THR B 18 1.37 -33.47 13.01
C THR B 18 0.83 -33.50 14.41
N GLN B 19 -0.06 -32.54 14.71
CA GLN B 19 -0.82 -32.56 15.96
C GLN B 19 -2.17 -31.94 15.68
N LYS B 20 -3.19 -32.37 16.43
CA LYS B 20 -4.56 -31.87 16.31
C LYS B 20 -4.51 -30.36 16.56
N MET B 21 -5.03 -29.60 15.60
CA MET B 21 -5.23 -28.16 15.68
C MET B 21 -6.59 -27.77 15.12
N ASN B 22 -7.24 -26.83 15.82
CA ASN B 22 -8.38 -26.16 15.25
C ASN B 22 -7.83 -25.02 14.34
N LEU B 23 -8.72 -24.28 13.70
CA LEU B 23 -8.29 -23.26 12.73
C LEU B 23 -7.52 -22.15 13.41
N PHE B 24 -7.96 -21.66 14.59
CA PHE B 24 -7.16 -20.62 15.23
C PHE B 24 -5.77 -21.06 15.63
N GLN B 25 -5.67 -22.32 16.11
CA GLN B 25 -4.34 -22.85 16.42
C GLN B 25 -3.41 -23.02 15.21
N SER B 26 -3.99 -23.39 14.09
CA SER B 26 -3.24 -23.53 12.84
C SER B 26 -2.67 -22.19 12.37
N VAL B 27 -3.44 -21.11 12.60
CA VAL B 27 -2.95 -19.75 12.31
C VAL B 27 -1.81 -19.40 13.19
N THR B 28 -1.92 -19.63 14.50
CA THR B 28 -0.84 -19.38 15.41
C THR B 28 0.44 -20.15 14.98
N SER B 29 0.24 -21.36 14.54
CA SER B 29 1.39 -22.23 14.19
C SER B 29 2.07 -21.66 12.94
N ALA B 30 1.29 -21.25 11.94
CA ALA B 30 1.84 -20.55 10.76
C ALA B 30 2.62 -19.32 11.15
N LEU B 31 2.07 -18.55 12.09
CA LEU B 31 2.65 -17.29 12.49
C LEU B 31 3.94 -17.55 13.23
N ASP B 32 3.92 -18.53 14.10
CA ASP B 32 5.08 -18.90 14.89
C ASP B 32 6.25 -19.38 13.96
N ASN B 33 5.97 -20.29 13.06
CA ASN B 33 6.92 -20.79 12.05
C ASN B 33 7.52 -19.61 11.27
N SER B 34 6.64 -18.63 10.95
CA SER B 34 7.05 -17.46 10.16
C SER B 34 8.00 -16.61 10.94
N LEU B 35 7.72 -16.31 12.22
CA LEU B 35 8.60 -15.47 12.98
C LEU B 35 9.91 -16.17 13.28
N ALA B 36 9.86 -17.51 13.38
CA ALA B 36 11.05 -18.31 13.67
C ALA B 36 12.04 -18.25 12.51
N LYS B 37 11.54 -18.28 11.29
CA LYS B 37 12.28 -18.42 10.00
C LYS B 37 12.81 -17.07 9.55
N ASP B 38 12.11 -16.00 9.90
CA ASP B 38 12.31 -14.73 9.24
C ASP B 38 12.44 -13.65 10.28
N PRO B 39 13.67 -13.30 10.63
CA PRO B 39 13.89 -12.31 11.69
C PRO B 39 13.32 -10.90 11.47
N THR B 40 12.99 -10.55 10.24
CA THR B 40 12.40 -9.25 9.97
C THR B 40 10.91 -9.21 10.32
N ALA B 41 10.28 -10.38 10.43
CA ALA B 41 8.83 -10.46 10.41
C ALA B 41 8.28 -9.88 11.72
N VAL B 42 7.21 -9.12 11.58
CA VAL B 42 6.47 -8.54 12.75
C VAL B 42 4.97 -8.71 12.53
N ILE B 43 4.21 -8.73 13.65
CA ILE B 43 2.74 -8.97 13.64
C ILE B 43 2.18 -7.80 14.45
N PHE B 44 1.13 -7.17 13.92
CA PHE B 44 0.62 -5.98 14.60
C PHE B 44 -0.85 -5.78 14.20
N GLY B 45 -1.54 -5.02 15.04
CA GLY B 45 -2.96 -4.77 14.83
C GLY B 45 -3.53 -4.15 16.10
N GLU B 46 -4.84 -3.94 16.12
CA GLU B 46 -5.51 -3.31 17.24
C GLU B 46 -5.27 -3.99 18.57
N ASP B 47 -5.39 -5.30 18.51
CA ASP B 47 -5.38 -6.12 19.73
C ASP B 47 -4.72 -7.51 19.37
N VAL B 48 -3.41 -7.53 19.25
CA VAL B 48 -2.76 -8.79 18.96
C VAL B 48 -1.83 -9.17 20.08
N ALA B 49 -1.41 -8.19 20.88
CA ALA B 49 -0.34 -8.44 21.87
C ALA B 49 -0.63 -9.57 22.86
N PHE B 50 -1.85 -9.60 23.35
CA PHE B 50 -2.24 -10.56 24.34
C PHE B 50 -3.05 -11.67 23.79
N GLY B 51 -2.92 -11.88 22.50
CA GLY B 51 -3.44 -13.07 21.88
C GLY B 51 -4.57 -12.88 20.94
N GLY B 52 -5.21 -11.71 20.99
CA GLY B 52 -6.27 -11.38 20.09
C GLY B 52 -7.62 -11.90 20.50
N VAL B 53 -8.64 -11.36 19.84
N VAL B 53 -8.69 -11.35 19.92
CA VAL B 53 -10.03 -11.68 20.16
CA VAL B 53 -10.04 -11.77 20.36
C VAL B 53 -10.35 -13.16 19.91
C VAL B 53 -10.50 -13.13 19.80
N PHE B 54 -9.75 -13.72 18.86
CA PHE B 54 -9.96 -15.09 18.49
C PHE B 54 -8.77 -16.04 18.84
N ARG B 55 -7.87 -15.56 19.70
N ARG B 55 -7.88 -15.56 19.71
CA ARG B 55 -6.72 -16.30 20.26
CA ARG B 55 -6.69 -16.25 20.26
C ARG B 55 -5.67 -16.64 19.20
C ARG B 55 -5.64 -16.60 19.22
N CYS B 56 -5.74 -16.02 18.03
CA CYS B 56 -4.78 -16.35 16.97
C CYS B 56 -3.29 -16.00 17.22
N THR B 57 -2.95 -15.05 18.13
CA THR B 57 -1.58 -14.66 18.42
C THR B 57 -1.10 -14.98 19.83
N VAL B 58 -1.82 -15.89 20.51
CA VAL B 58 -1.44 -16.30 21.85
C VAL B 58 -0.01 -16.81 21.94
N GLY B 59 0.72 -16.24 22.88
CA GLY B 59 2.07 -16.62 23.23
C GLY B 59 3.18 -16.11 22.32
N LEU B 60 2.80 -15.49 21.20
CA LEU B 60 3.81 -15.03 20.24
C LEU B 60 4.63 -13.89 20.74
N ARG B 61 3.98 -12.92 21.44
CA ARG B 61 4.72 -11.80 22.00
C ARG B 61 5.73 -12.29 23.03
N ASP B 62 5.30 -13.19 23.92
CA ASP B 62 6.25 -13.75 24.92
C ASP B 62 7.41 -14.46 24.22
N LYS B 63 7.15 -15.24 23.20
CA LYS B 63 8.23 -15.95 22.48
C LYS B 63 9.17 -15.06 21.65
N TYR B 64 8.66 -13.98 21.01
CA TYR B 64 9.44 -13.24 19.99
C TYR B 64 9.76 -11.79 20.33
N GLY B 65 9.07 -11.23 21.32
CA GLY B 65 9.38 -9.92 21.85
C GLY B 65 8.31 -8.89 21.51
N LYS B 66 8.25 -7.90 22.34
CA LYS B 66 7.25 -6.90 22.23
C LYS B 66 7.48 -6.01 21.01
N ASP B 67 8.71 -5.94 20.51
CA ASP B 67 8.98 -5.20 19.24
C ASP B 67 8.55 -5.93 17.97
N ARG B 68 8.23 -7.22 18.07
CA ARG B 68 7.74 -7.98 16.96
C ARG B 68 6.28 -8.35 16.96
N VAL B 69 5.58 -8.25 18.11
CA VAL B 69 4.16 -8.64 18.22
C VAL B 69 3.57 -7.54 19.05
N PHE B 70 2.87 -6.56 18.42
CA PHE B 70 2.49 -5.35 19.13
C PHE B 70 1.19 -4.75 18.64
N ASN B 71 0.59 -3.98 19.53
CA ASN B 71 -0.62 -3.30 19.25
C ASN B 71 -0.35 -1.93 18.66
N THR B 72 -1.19 -1.54 17.69
CA THR B 72 -1.22 -0.22 17.15
C THR B 72 -2.40 0.53 17.77
N PRO B 73 -2.48 1.82 17.53
CA PRO B 73 -3.72 2.55 17.80
C PRO B 73 -4.84 1.93 16.95
N LEU B 74 -6.06 2.22 17.40
CA LEU B 74 -7.26 1.70 16.81
C LEU B 74 -7.61 2.46 15.53
N CYS B 75 -7.04 2.03 14.40
CA CYS B 75 -7.13 2.80 13.19
C CYS B 75 -6.76 1.92 12.02
N GLU B 76 -7.77 1.41 11.31
CA GLU B 76 -7.49 0.43 10.28
C GLU B 76 -6.76 1.02 9.11
N GLN B 77 -7.09 2.24 8.71
CA GLN B 77 -6.32 2.87 7.65
C GLN B 77 -4.84 2.99 7.97
N GLY B 78 -4.55 3.34 9.23
CA GLY B 78 -3.18 3.38 9.72
C GLY B 78 -2.49 2.01 9.73
N ILE B 79 -3.22 0.97 10.15
CA ILE B 79 -2.61 -0.36 10.25
C ILE B 79 -2.10 -0.78 8.90
N VAL B 80 -2.92 -0.61 7.88
CA VAL B 80 -2.48 -1.02 6.54
C VAL B 80 -1.40 -0.10 5.96
N GLY B 81 -1.56 1.20 6.06
CA GLY B 81 -0.46 2.09 5.65
C GLY B 81 0.87 1.82 6.29
N PHE B 82 0.82 1.61 7.60
CA PHE B 82 1.96 1.22 8.39
C PHE B 82 2.55 -0.08 7.90
N GLY B 83 1.72 -1.08 7.67
CA GLY B 83 2.15 -2.33 7.09
C GLY B 83 2.87 -2.16 5.75
N ILE B 84 2.27 -1.36 4.86
CA ILE B 84 2.87 -1.08 3.57
C ILE B 84 4.29 -0.57 3.78
N GLY B 85 4.41 0.42 4.66
CA GLY B 85 5.65 1.03 4.98
C GLY B 85 6.74 0.09 5.45
N ILE B 86 6.39 -0.78 6.38
CA ILE B 86 7.32 -1.83 6.76
C ILE B 86 7.79 -2.64 5.53
N ALA B 87 6.84 -3.04 4.69
CA ALA B 87 7.10 -3.91 3.56
C ALA B 87 7.98 -3.23 2.50
N VAL B 88 7.87 -1.89 2.39
CA VAL B 88 8.67 -1.12 1.47
C VAL B 88 10.16 -1.31 1.76
N THR B 89 10.50 -1.48 3.03
CA THR B 89 11.91 -1.72 3.46
C THR B 89 12.37 -3.18 3.26
N GLY B 90 11.47 -4.07 2.94
CA GLY B 90 11.71 -5.47 2.68
C GLY B 90 11.42 -6.39 3.86
N ALA B 91 11.06 -5.82 5.02
CA ALA B 91 10.61 -6.59 6.18
C ALA B 91 9.18 -7.15 6.02
N THR B 92 8.97 -8.35 6.57
CA THR B 92 7.72 -9.05 6.51
C THR B 92 6.79 -8.42 7.50
N ALA B 93 5.64 -7.97 7.00
CA ALA B 93 4.63 -7.25 7.83
C ALA B 93 3.37 -8.04 7.79
N ILE B 94 2.93 -8.53 8.92
CA ILE B 94 1.73 -9.34 8.98
C ILE B 94 0.73 -8.50 9.85
N ALA B 95 -0.18 -7.85 9.18
CA ALA B 95 -1.18 -6.97 9.84
C ALA B 95 -2.44 -7.76 10.10
N GLU B 96 -3.11 -7.48 11.21
CA GLU B 96 -4.43 -8.04 11.45
C GLU B 96 -5.44 -6.93 11.44
N ILE B 97 -6.54 -7.17 10.73
CA ILE B 97 -7.73 -6.35 10.79
C ILE B 97 -8.73 -7.22 11.57
N GLN B 98 -9.25 -6.69 12.67
CA GLN B 98 -9.95 -7.52 13.64
C GLN B 98 -11.15 -8.31 13.13
N PHE B 99 -11.94 -7.69 12.25
CA PHE B 99 -13.03 -8.34 11.53
C PHE B 99 -12.93 -7.89 10.08
N ALA B 100 -13.25 -8.73 9.13
CA ALA B 100 -13.17 -8.31 7.72
C ALA B 100 -14.07 -7.12 7.46
N ASP B 101 -15.17 -7.06 8.21
CA ASP B 101 -16.10 -5.96 8.12
C ASP B 101 -15.45 -4.57 8.35
N TYR B 102 -14.38 -4.54 9.11
CA TYR B 102 -13.66 -3.36 9.41
C TYR B 102 -12.46 -3.13 8.50
N ILE B 103 -12.36 -3.85 7.39
CA ILE B 103 -11.26 -3.59 6.45
C ILE B 103 -11.52 -2.35 5.59
N PHE B 104 -12.79 -1.91 5.50
CA PHE B 104 -13.13 -0.82 4.55
C PHE B 104 -12.43 0.54 4.78
N PRO B 105 -12.15 0.99 6.01
CA PRO B 105 -11.39 2.21 6.18
C PRO B 105 -10.00 2.16 5.52
N ALA B 106 -9.46 0.93 5.38
CA ALA B 106 -8.18 0.69 4.75
C ALA B 106 -8.31 0.47 3.24
N PHE B 107 -9.53 0.63 2.68
CA PHE B 107 -9.71 0.31 1.27
C PHE B 107 -8.82 1.10 0.34
N ASP B 108 -8.62 2.39 0.65
CA ASP B 108 -7.76 3.24 -0.18
C ASP B 108 -6.32 2.79 -0.10
N GLN B 109 -5.84 2.47 1.10
CA GLN B 109 -4.45 1.98 1.23
C GLN B 109 -4.27 0.63 0.55
N ILE B 110 -5.28 -0.23 0.52
CA ILE B 110 -5.14 -1.51 -0.15
C ILE B 110 -5.21 -1.37 -1.67
N VAL B 111 -6.22 -0.69 -2.17
CA VAL B 111 -6.52 -0.64 -3.59
C VAL B 111 -5.72 0.39 -4.38
N ASN B 112 -5.58 1.59 -3.81
CA ASN B 112 -4.84 2.65 -4.48
C ASN B 112 -3.32 2.56 -4.20
N GLU B 113 -2.95 2.01 -3.04
CA GLU B 113 -1.55 1.95 -2.62
C GLU B 113 -0.90 0.55 -2.76
N ALA B 114 -1.24 -0.36 -1.89
CA ALA B 114 -0.67 -1.70 -1.87
C ALA B 114 -0.72 -2.37 -3.26
N ALA B 115 -1.87 -2.41 -3.88
CA ALA B 115 -2.06 -3.17 -5.11
C ALA B 115 -1.26 -2.59 -6.27
N LYS B 116 -1.02 -1.28 -6.23
CA LYS B 116 -0.36 -0.58 -7.34
C LYS B 116 1.09 -0.21 -7.11
N TYR B 117 1.62 -0.51 -5.93
CA TYR B 117 2.91 -0.03 -5.45
C TYR B 117 4.02 -0.44 -6.46
N ARG B 118 3.97 -1.70 -6.85
CA ARG B 118 5.05 -2.26 -7.71
C ARG B 118 4.90 -1.73 -9.14
N TYR B 119 3.69 -1.80 -9.65
CA TYR B 119 3.44 -1.35 -11.00
C TYR B 119 3.83 0.12 -11.22
N ARG B 120 3.33 0.98 -10.34
CA ARG B 120 3.46 2.40 -10.52
C ARG B 120 4.90 2.91 -10.35
N SER B 121 5.76 2.10 -9.76
CA SER B 121 7.13 2.49 -9.55
C SER B 121 8.09 1.86 -10.60
N GLY B 122 7.57 1.08 -11.52
CA GLY B 122 8.43 0.29 -12.43
C GLY B 122 9.25 -0.78 -11.72
N ASP B 123 8.73 -1.24 -10.58
CA ASP B 123 9.41 -2.18 -9.71
C ASP B 123 10.63 -1.59 -9.04
N LEU B 124 10.69 -0.27 -8.89
CA LEU B 124 11.69 0.30 -8.01
C LEU B 124 11.34 0.10 -6.50
N PHE B 125 10.04 0.03 -6.17
CA PHE B 125 9.60 -0.19 -4.80
C PHE B 125 8.43 -1.14 -4.85
N ASN B 126 8.24 -1.86 -3.74
CA ASN B 126 7.17 -2.81 -3.62
C ASN B 126 6.80 -3.00 -2.17
N CYS B 127 5.65 -3.60 -1.97
CA CYS B 127 5.25 -4.00 -0.62
C CYS B 127 4.81 -5.47 -0.65
N GLY B 128 5.59 -6.29 -1.39
CA GLY B 128 5.30 -7.68 -1.52
C GLY B 128 5.32 -8.46 -0.23
N SER B 129 6.08 -8.02 0.74
CA SER B 129 6.19 -8.67 2.00
C SER B 129 5.07 -8.35 3.04
N LEU B 130 4.02 -7.70 2.57
CA LEU B 130 2.80 -7.47 3.36
C LEU B 130 1.74 -8.59 3.20
N THR B 131 1.18 -9.03 4.32
CA THR B 131 0.03 -9.87 4.32
C THR B 131 -0.96 -9.26 5.39
N ILE B 132 -2.22 -9.18 5.04
CA ILE B 132 -3.28 -8.64 5.94
C ILE B 132 -4.13 -9.88 6.22
N ARG B 133 -4.22 -10.29 7.47
CA ARG B 133 -5.12 -11.38 7.83
C ARG B 133 -6.33 -10.87 8.64
N SER B 134 -7.50 -11.43 8.35
CA SER B 134 -8.69 -10.93 8.97
C SER B 134 -9.76 -12.02 9.10
N PRO B 135 -10.40 -12.12 10.27
CA PRO B 135 -11.58 -12.96 10.36
C PRO B 135 -12.71 -12.64 9.40
N TRP B 136 -13.45 -13.65 8.90
CA TRP B 136 -14.32 -13.48 7.78
C TRP B 136 -15.52 -14.42 7.86
N GLY B 137 -16.60 -14.02 7.24
CA GLY B 137 -17.72 -14.94 7.06
C GLY B 137 -18.73 -14.97 8.21
N CYS B 138 -19.82 -15.65 7.99
CA CYS B 138 -20.89 -15.68 8.99
C CYS B 138 -20.50 -16.46 10.21
N VAL B 139 -21.21 -16.19 11.29
CA VAL B 139 -20.87 -16.77 12.56
C VAL B 139 -22.12 -17.05 13.43
N GLY B 140 -23.29 -17.07 12.81
CA GLY B 140 -24.57 -17.35 13.46
C GLY B 140 -25.34 -16.17 14.02
N HIS B 141 -24.61 -15.15 14.49
CA HIS B 141 -25.26 -14.01 15.12
C HIS B 141 -24.48 -12.70 14.95
N GLY B 142 -23.52 -12.67 14.03
CA GLY B 142 -22.73 -11.48 13.79
C GLY B 142 -23.40 -10.28 13.20
N ALA B 143 -24.58 -10.47 12.60
CA ALA B 143 -25.28 -9.39 11.97
C ALA B 143 -24.45 -8.61 10.98
N LEU B 144 -24.68 -7.31 10.88
CA LEU B 144 -24.23 -6.59 9.67
C LEU B 144 -22.70 -6.44 9.63
N TYR B 145 -22.05 -6.35 10.79
CA TYR B 145 -20.63 -5.95 10.88
C TYR B 145 -19.71 -6.94 11.55
N HIS B 146 -20.18 -8.17 11.78
CA HIS B 146 -19.30 -9.23 12.26
C HIS B 146 -19.50 -10.50 11.43
N SER B 147 -20.09 -10.32 10.25
CA SER B 147 -20.44 -11.41 9.33
C SER B 147 -19.90 -11.33 7.92
N GLN B 148 -19.36 -10.19 7.52
CA GLN B 148 -19.24 -9.92 6.11
C GLN B 148 -18.15 -10.78 5.38
N SER B 149 -18.37 -10.95 4.10
CA SER B 149 -17.50 -11.71 3.15
C SER B 149 -17.10 -10.70 2.07
N PRO B 150 -16.03 -9.92 2.27
CA PRO B 150 -15.72 -8.84 1.31
C PRO B 150 -14.89 -9.21 0.06
N GLU B 151 -14.67 -10.48 -0.21
CA GLU B 151 -13.76 -10.82 -1.29
C GLU B 151 -14.03 -10.24 -2.67
N ALA B 152 -15.31 -10.08 -3.05
CA ALA B 152 -15.66 -9.57 -4.36
C ALA B 152 -15.24 -8.09 -4.51
N PHE B 153 -15.27 -7.33 -3.42
CA PHE B 153 -14.78 -5.96 -3.51
C PHE B 153 -13.27 -5.97 -3.93
N PHE B 154 -12.49 -6.89 -3.39
CA PHE B 154 -11.06 -6.93 -3.60
C PHE B 154 -10.75 -7.59 -4.92
N ALA B 155 -11.66 -8.45 -5.40
CA ALA B 155 -11.35 -9.18 -6.64
C ALA B 155 -11.27 -8.26 -7.86
N HIS B 156 -11.78 -7.05 -7.78
CA HIS B 156 -11.75 -6.10 -8.88
C HIS B 156 -10.53 -5.17 -8.83
N CYS B 157 -9.54 -5.57 -8.03
CA CYS B 157 -8.31 -4.83 -7.85
C CYS B 157 -7.03 -5.59 -8.27
N PRO B 158 -6.61 -5.39 -9.53
CA PRO B 158 -5.34 -5.96 -9.95
C PRO B 158 -4.15 -5.57 -9.03
N GLY B 159 -3.34 -6.53 -8.64
CA GLY B 159 -2.17 -6.26 -7.82
C GLY B 159 -2.19 -6.83 -6.42
N ILE B 160 -3.34 -7.27 -5.96
CA ILE B 160 -3.48 -7.98 -4.71
C ILE B 160 -3.93 -9.40 -4.93
N LYS B 161 -3.58 -10.26 -3.99
CA LYS B 161 -4.10 -11.62 -3.93
C LYS B 161 -5.07 -11.75 -2.74
N VAL B 162 -6.11 -12.58 -2.91
CA VAL B 162 -7.15 -12.79 -1.91
C VAL B 162 -7.32 -14.32 -1.77
N VAL B 163 -7.10 -14.82 -0.56
CA VAL B 163 -6.95 -16.26 -0.28
C VAL B 163 -7.82 -16.61 0.92
N ILE B 164 -8.57 -17.70 0.78
CA ILE B 164 -9.52 -18.12 1.81
C ILE B 164 -9.47 -19.64 2.02
N PRO B 165 -9.12 -20.11 3.23
CA PRO B 165 -8.98 -21.56 3.47
C PRO B 165 -10.23 -22.18 4.03
N ARG B 166 -10.28 -23.51 4.01
CA ARG B 166 -11.49 -24.23 4.44
C ARG B 166 -11.31 -25.07 5.69
N SER B 167 -10.09 -25.14 6.21
CA SER B 167 -9.74 -26.05 7.29
C SER B 167 -8.44 -25.63 7.93
N PRO B 168 -8.09 -26.20 9.11
CA PRO B 168 -6.81 -25.94 9.77
C PRO B 168 -5.59 -26.32 8.93
N PHE B 169 -5.60 -27.49 8.33
CA PHE B 169 -4.51 -27.86 7.47
C PHE B 169 -4.37 -26.87 6.26
N GLN B 170 -5.45 -26.60 5.57
CA GLN B 170 -5.47 -25.66 4.46
C GLN B 170 -5.02 -24.25 4.92
N ALA B 171 -5.51 -23.81 6.07
CA ALA B 171 -5.14 -22.50 6.58
C ALA B 171 -3.67 -22.29 6.84
N LYS B 172 -3.01 -23.23 7.50
CA LYS B 172 -1.64 -23.04 7.80
C LYS B 172 -0.78 -23.01 6.51
N GLY B 173 -1.08 -23.90 5.57
CA GLY B 173 -0.31 -23.95 4.33
C GLY B 173 -0.53 -22.73 3.44
N LEU B 174 -1.77 -22.27 3.38
CA LEU B 174 -2.10 -21.12 2.57
C LEU B 174 -1.63 -19.85 3.19
N LEU B 175 -1.69 -19.72 4.52
CA LEU B 175 -1.18 -18.56 5.19
C LEU B 175 0.33 -18.45 5.05
N LEU B 176 1.04 -19.57 5.16
CA LEU B 176 2.48 -19.51 4.97
C LEU B 176 2.86 -19.08 3.54
N SER B 177 2.12 -19.53 2.54
CA SER B 177 2.32 -19.17 1.17
C SER B 177 2.04 -17.66 0.97
N CYS B 178 1.00 -17.14 1.59
CA CYS B 178 0.72 -15.67 1.56
C CYS B 178 1.86 -14.88 2.17
N ILE B 179 2.35 -15.29 3.35
CA ILE B 179 3.34 -14.55 4.06
C ILE B 179 4.63 -14.46 3.20
N GLU B 180 4.92 -15.58 2.54
CA GLU B 180 6.17 -15.70 1.73
C GLU B 180 6.02 -15.25 0.27
N ASP B 181 4.80 -15.09 -0.22
CA ASP B 181 4.54 -14.60 -1.54
C ASP B 181 5.02 -13.16 -1.71
N LYS B 182 5.48 -12.83 -2.92
CA LYS B 182 6.13 -11.56 -3.13
C LYS B 182 5.11 -10.50 -3.64
N ASN B 183 3.87 -10.60 -3.16
CA ASN B 183 2.79 -9.68 -3.54
C ASN B 183 1.96 -9.46 -2.31
N PRO B 184 1.40 -8.28 -2.16
CA PRO B 184 0.53 -8.06 -0.98
C PRO B 184 -0.70 -9.02 -1.06
N CYS B 185 -0.99 -9.72 0.03
CA CYS B 185 -2.02 -10.74 0.12
C CYS B 185 -3.00 -10.39 1.27
N ILE B 186 -4.27 -10.58 1.02
CA ILE B 186 -5.33 -10.63 2.03
C ILE B 186 -5.71 -12.10 2.26
N PHE B 187 -5.59 -12.52 3.50
CA PHE B 187 -5.94 -13.86 3.97
C PHE B 187 -7.16 -13.76 4.89
N PHE B 188 -8.26 -14.32 4.42
CA PHE B 188 -9.53 -14.25 5.14
C PHE B 188 -9.76 -15.55 5.89
N GLU B 189 -9.84 -15.46 7.20
CA GLU B 189 -9.95 -16.66 8.06
C GLU B 189 -11.42 -16.89 8.47
N PRO B 190 -12.06 -18.00 8.07
CA PRO B 190 -13.51 -18.14 8.36
C PRO B 190 -13.70 -18.41 9.83
N LYS B 191 -14.16 -17.36 10.51
CA LYS B 191 -14.20 -17.34 11.94
C LYS B 191 -15.12 -18.40 12.58
N ILE B 192 -16.17 -18.80 11.89
CA ILE B 192 -17.05 -19.85 12.39
C ILE B 192 -16.24 -21.18 12.54
N LEU B 193 -15.08 -21.29 11.87
CA LEU B 193 -14.26 -22.50 11.99
C LEU B 193 -13.18 -22.40 13.00
N TYR B 194 -12.98 -21.23 13.62
CA TYR B 194 -11.85 -21.06 14.48
C TYR B 194 -11.73 -22.16 15.56
N ARG B 195 -12.86 -22.49 16.17
CA ARG B 195 -12.92 -23.58 17.18
C ARG B 195 -13.58 -24.86 16.68
N ALA B 196 -14.39 -24.74 15.64
CA ALA B 196 -15.21 -25.83 15.15
C ALA B 196 -14.42 -26.87 14.38
N ALA B 197 -13.68 -26.40 13.40
CA ALA B 197 -12.92 -27.29 12.54
C ALA B 197 -11.58 -27.57 13.23
N ALA B 198 -11.32 -28.86 13.48
CA ALA B 198 -10.09 -29.43 14.08
C ALA B 198 -9.57 -30.69 13.31
N GLU B 199 -8.26 -30.81 13.14
CA GLU B 199 -7.65 -31.89 12.34
C GLU B 199 -6.15 -31.86 12.49
N GLU B 200 -5.49 -32.91 12.01
CA GLU B 200 -4.04 -33.00 12.11
C GLU B 200 -3.37 -31.95 11.20
N VAL B 201 -2.43 -31.23 11.76
CA VAL B 201 -1.68 -30.18 11.09
C VAL B 201 -0.21 -30.34 11.35
N PRO B 202 0.63 -30.37 10.30
CA PRO B 202 2.07 -30.41 10.53
C PRO B 202 2.55 -29.31 11.39
N ILE B 203 3.42 -29.63 12.33
CA ILE B 203 4.03 -28.66 13.23
C ILE B 203 5.04 -27.77 12.55
N GLU B 204 5.70 -28.31 11.52
CA GLU B 204 6.78 -27.61 10.87
C GLU B 204 6.16 -26.96 9.65
N PRO B 205 6.83 -25.96 9.10
CA PRO B 205 6.27 -25.24 7.96
C PRO B 205 6.08 -26.02 6.68
N TYR B 206 4.99 -25.74 5.98
CA TYR B 206 4.72 -26.25 4.68
C TYR B 206 3.89 -25.21 3.92
N ASN B 207 3.82 -25.36 2.62
CA ASN B 207 3.13 -24.43 1.73
C ASN B 207 2.08 -25.14 0.91
N ILE B 208 0.99 -24.46 0.68
CA ILE B 208 -0.02 -24.85 -0.29
C ILE B 208 0.02 -23.77 -1.30
N PRO B 209 0.00 -24.10 -2.60
CA PRO B 209 0.11 -23.06 -3.63
C PRO B 209 -1.11 -22.15 -3.74
N LEU B 210 -0.83 -20.88 -4.03
CA LEU B 210 -1.84 -19.89 -4.39
C LEU B 210 -2.25 -20.02 -5.82
N SER B 211 -3.44 -19.52 -6.12
CA SER B 211 -4.06 -19.56 -7.45
C SER B 211 -4.30 -21.01 -7.94
N GLN B 212 -4.53 -21.93 -7.02
CA GLN B 212 -4.77 -23.35 -7.36
C GLN B 212 -6.00 -23.81 -6.60
N ALA B 213 -7.06 -24.15 -7.30
CA ALA B 213 -8.22 -24.79 -6.72
C ALA B 213 -7.92 -26.23 -6.31
N GLU B 214 -8.75 -26.80 -5.47
CA GLU B 214 -8.58 -28.22 -5.07
C GLU B 214 -9.88 -28.95 -5.35
N VAL B 215 -9.77 -30.00 -6.17
CA VAL B 215 -10.91 -30.91 -6.37
C VAL B 215 -10.94 -31.87 -5.18
N ILE B 216 -11.90 -31.70 -4.26
CA ILE B 216 -11.86 -32.55 -3.08
C ILE B 216 -12.68 -33.81 -3.26
N GLN B 217 -13.53 -33.87 -4.28
CA GLN B 217 -14.36 -35.05 -4.61
C GLN B 217 -14.60 -35.08 -6.08
N GLU B 218 -14.17 -36.15 -6.74
CA GLU B 218 -14.50 -36.29 -8.17
C GLU B 218 -15.94 -36.65 -8.44
N GLY B 219 -16.46 -36.15 -9.53
CA GLY B 219 -17.83 -36.42 -9.92
C GLY B 219 -18.01 -36.21 -11.39
N SER B 220 -19.13 -36.66 -11.94
CA SER B 220 -19.32 -36.67 -13.38
C SER B 220 -20.53 -35.96 -13.89
N ASP B 221 -21.54 -35.68 -13.08
CA ASP B 221 -22.76 -34.99 -13.62
C ASP B 221 -22.83 -33.46 -13.47
N VAL B 222 -22.09 -32.96 -12.49
CA VAL B 222 -22.18 -31.52 -12.17
C VAL B 222 -20.97 -31.13 -11.35
N THR B 223 -20.59 -29.86 -11.52
CA THR B 223 -19.43 -29.28 -10.84
C THR B 223 -19.96 -28.21 -9.79
N LEU B 224 -19.47 -28.31 -8.56
CA LEU B 224 -19.91 -27.47 -7.46
C LEU B 224 -18.69 -26.70 -7.00
N VAL B 225 -18.77 -25.37 -6.94
CA VAL B 225 -17.59 -24.58 -6.55
C VAL B 225 -17.98 -23.65 -5.37
N ALA B 226 -17.15 -23.62 -4.37
CA ALA B 226 -17.28 -22.67 -3.26
C ALA B 226 -15.93 -22.46 -2.65
N TRP B 227 -15.91 -21.76 -1.52
CA TRP B 227 -14.71 -21.47 -0.77
C TRP B 227 -15.10 -21.20 0.74
N GLY B 228 -14.12 -21.25 1.59
CA GLY B 228 -14.29 -21.19 3.04
C GLY B 228 -15.21 -22.29 3.58
N THR B 229 -16.06 -21.87 4.52
CA THR B 229 -17.06 -22.72 5.13
C THR B 229 -18.01 -23.33 4.15
N GLN B 230 -18.36 -22.59 3.11
CA GLN B 230 -19.30 -23.01 2.14
C GLN B 230 -18.86 -24.28 1.39
N VAL B 231 -17.58 -24.59 1.45
CA VAL B 231 -17.09 -25.84 0.85
C VAL B 231 -17.72 -27.03 1.56
N HIS B 232 -17.86 -26.91 2.87
CA HIS B 232 -18.40 -27.97 3.68
C HIS B 232 -19.88 -28.11 3.40
N VAL B 233 -20.56 -27.01 3.09
CA VAL B 233 -21.93 -27.04 2.70
C VAL B 233 -22.08 -27.76 1.36
N ILE B 234 -21.27 -27.40 0.37
CA ILE B 234 -21.45 -28.07 -0.93
C ILE B 234 -21.01 -29.55 -0.86
N ARG B 235 -20.08 -29.88 0.03
CA ARG B 235 -19.71 -31.29 0.24
C ARG B 235 -20.93 -32.11 0.71
N GLU B 236 -21.69 -31.54 1.63
CA GLU B 236 -22.92 -32.17 2.06
C GLU B 236 -23.97 -32.19 0.95
N VAL B 237 -24.05 -31.14 0.17
CA VAL B 237 -25.03 -31.08 -0.89
C VAL B 237 -24.73 -32.20 -1.90
N ALA B 238 -23.46 -32.51 -2.10
CA ALA B 238 -23.04 -33.54 -3.03
C ALA B 238 -23.59 -34.88 -2.51
N SER B 239 -23.55 -35.05 -1.20
CA SER B 239 -23.93 -36.33 -0.61
C SER B 239 -25.45 -36.48 -0.66
N MET B 240 -26.16 -35.38 -0.40
CA MET B 240 -27.58 -35.28 -0.62
C MET B 240 -27.98 -35.62 -2.08
N ALA B 241 -27.20 -35.16 -3.05
CA ALA B 241 -27.54 -35.34 -4.46
C ALA B 241 -27.34 -36.82 -4.88
N LYS B 242 -26.29 -37.44 -4.37
CA LYS B 242 -25.97 -38.83 -4.64
C LYS B 242 -27.13 -39.70 -4.10
N GLU B 243 -27.49 -39.47 -2.84
CA GLU B 243 -28.47 -40.29 -2.11
C GLU B 243 -29.89 -40.06 -2.64
N LYS B 244 -30.27 -38.81 -2.86
CA LYS B 244 -31.63 -38.49 -3.24
C LYS B 244 -31.86 -38.49 -4.72
N LEU B 245 -30.82 -38.28 -5.54
CA LEU B 245 -31.04 -38.10 -6.98
C LEU B 245 -30.22 -39.01 -7.87
N GLY B 246 -29.33 -39.78 -7.28
CA GLY B 246 -28.34 -40.50 -8.05
C GLY B 246 -27.38 -39.64 -8.85
N VAL B 247 -27.15 -38.38 -8.42
CA VAL B 247 -26.30 -37.44 -9.18
C VAL B 247 -24.87 -37.46 -8.59
N SER B 248 -23.86 -37.55 -9.46
CA SER B 248 -22.44 -37.56 -9.08
C SER B 248 -21.91 -36.12 -9.15
N CYS B 249 -21.44 -35.58 -8.02
CA CYS B 249 -21.01 -34.16 -7.96
C CYS B 249 -19.53 -34.06 -7.85
N GLU B 250 -18.91 -33.18 -8.65
CA GLU B 250 -17.51 -32.88 -8.50
C GLU B 250 -17.42 -31.62 -7.62
N VAL B 251 -16.70 -31.71 -6.51
CA VAL B 251 -16.69 -30.64 -5.50
C VAL B 251 -15.32 -29.98 -5.51
N ILE B 252 -15.31 -28.66 -5.71
CA ILE B 252 -14.08 -27.92 -5.83
C ILE B 252 -14.06 -26.75 -4.83
N ASP B 253 -12.96 -26.65 -4.10
CA ASP B 253 -12.61 -25.54 -3.24
C ASP B 253 -11.73 -24.59 -4.07
N LEU B 254 -12.25 -23.40 -4.33
CA LEU B 254 -11.49 -22.44 -5.12
C LEU B 254 -10.20 -22.04 -4.46
N ARG B 255 -10.27 -21.74 -3.15
CA ARG B 255 -9.11 -21.36 -2.34
C ARG B 255 -8.58 -19.95 -2.59
N THR B 256 -8.10 -19.68 -3.80
CA THR B 256 -7.60 -18.33 -4.12
C THR B 256 -8.63 -17.65 -4.97
N ILE B 257 -9.12 -16.51 -4.49
CA ILE B 257 -10.12 -15.75 -5.22
C ILE B 257 -9.53 -14.96 -6.39
N ILE B 258 -8.43 -14.24 -6.16
CA ILE B 258 -7.64 -13.69 -7.28
C ILE B 258 -6.17 -13.80 -7.03
N PRO B 259 -5.35 -14.12 -8.04
CA PRO B 259 -5.74 -14.67 -9.35
C PRO B 259 -6.32 -16.09 -9.18
N TRP B 260 -7.43 -16.36 -9.80
CA TRP B 260 -8.11 -17.61 -9.56
C TRP B 260 -7.76 -18.65 -10.65
N ASP B 261 -7.96 -19.89 -10.25
CA ASP B 261 -7.64 -21.07 -11.08
C ASP B 261 -8.75 -21.36 -12.06
N VAL B 262 -8.73 -20.61 -13.14
CA VAL B 262 -9.69 -20.69 -14.23
C VAL B 262 -9.60 -22.12 -14.83
N ASP B 263 -8.41 -22.63 -14.89
CA ASP B 263 -8.16 -23.88 -15.68
C ASP B 263 -8.81 -25.08 -14.99
N THR B 264 -8.72 -25.15 -13.66
CA THR B 264 -9.28 -26.27 -12.92
C THR B 264 -10.78 -26.26 -13.03
N ILE B 265 -11.38 -25.06 -12.93
CA ILE B 265 -12.82 -24.97 -12.95
C ILE B 265 -13.32 -25.31 -14.36
N CYS B 266 -12.67 -24.78 -15.38
CA CYS B 266 -13.11 -25.02 -16.76
C CYS B 266 -12.94 -26.52 -17.15
N LYS B 267 -11.85 -27.12 -16.75
CA LYS B 267 -11.61 -28.55 -17.01
C LYS B 267 -12.75 -29.44 -16.36
N SER B 268 -13.17 -29.05 -15.16
CA SER B 268 -14.23 -29.77 -14.53
C SER B 268 -15.53 -29.60 -15.25
N VAL B 269 -15.84 -28.40 -15.69
CA VAL B 269 -17.09 -28.13 -16.36
C VAL B 269 -17.14 -28.77 -17.77
N ILE B 270 -15.98 -28.95 -18.40
N ILE B 270 -15.96 -28.96 -18.38
CA ILE B 270 -15.98 -29.59 -19.73
CA ILE B 270 -15.85 -29.56 -19.72
C ILE B 270 -16.43 -31.01 -19.51
C ILE B 270 -16.27 -31.04 -19.60
N LYS B 271 -15.89 -31.66 -18.48
CA LYS B 271 -16.31 -33.02 -18.11
C LYS B 271 -17.75 -33.14 -17.70
N THR B 272 -18.26 -32.30 -16.78
CA THR B 272 -19.61 -32.47 -16.26
C THR B 272 -20.68 -31.82 -17.05
N GLY B 273 -20.39 -30.69 -17.71
CA GLY B 273 -21.40 -29.92 -18.42
C GLY B 273 -22.36 -29.05 -17.64
N ARG B 274 -22.19 -29.00 -16.32
CA ARG B 274 -23.04 -28.16 -15.48
C ARG B 274 -22.24 -27.60 -14.27
N LEU B 275 -22.67 -26.42 -13.84
CA LEU B 275 -21.94 -25.69 -12.80
C LEU B 275 -22.87 -24.95 -11.89
N LEU B 276 -22.62 -25.12 -10.61
CA LEU B 276 -23.31 -24.33 -9.58
C LEU B 276 -22.22 -23.76 -8.65
N ILE B 277 -22.31 -22.46 -8.40
CA ILE B 277 -21.32 -21.77 -7.55
C ILE B 277 -22.11 -21.23 -6.38
N SER B 278 -21.50 -21.33 -5.21
CA SER B 278 -22.15 -20.85 -4.02
C SER B 278 -21.22 -20.02 -3.16
N HIS B 279 -21.77 -18.92 -2.64
CA HIS B 279 -21.06 -18.16 -1.63
C HIS B 279 -21.98 -17.39 -0.73
N GLU B 280 -21.51 -17.13 0.48
CA GLU B 280 -22.26 -16.36 1.48
C GLU B 280 -22.50 -14.89 1.10
N ALA B 281 -21.54 -14.29 0.40
CA ALA B 281 -21.67 -12.89 -0.05
C ALA B 281 -22.89 -12.69 -0.93
N PRO B 282 -23.46 -11.48 -0.94
CA PRO B 282 -24.57 -11.17 -1.80
C PRO B 282 -24.32 -11.54 -3.29
N LEU B 283 -25.40 -11.91 -3.93
CA LEU B 283 -25.37 -12.36 -5.33
C LEU B 283 -24.77 -11.25 -6.21
N THR B 284 -25.36 -10.05 -6.13
CA THR B 284 -25.08 -9.02 -7.15
C THR B 284 -23.63 -8.51 -6.97
N GLY B 285 -22.77 -8.72 -7.99
CA GLY B 285 -21.38 -8.21 -7.87
C GLY B 285 -20.49 -9.17 -7.14
N GLY B 286 -21.07 -10.29 -6.70
CA GLY B 286 -20.36 -11.32 -5.98
C GLY B 286 -19.38 -12.07 -6.87
N PHE B 287 -18.41 -12.76 -6.29
CA PHE B 287 -17.39 -13.40 -7.13
C PHE B 287 -17.95 -14.53 -8.02
N ALA B 288 -19.10 -15.09 -7.64
CA ALA B 288 -19.72 -16.09 -8.50
C ALA B 288 -19.99 -15.54 -9.90
N SER B 289 -20.27 -14.25 -10.03
N SER B 289 -20.28 -14.24 -10.03
CA SER B 289 -20.52 -13.66 -11.36
CA SER B 289 -20.53 -13.65 -11.34
C SER B 289 -19.33 -13.78 -12.28
C SER B 289 -19.34 -13.76 -12.27
N GLU B 290 -18.14 -13.58 -11.73
CA GLU B 290 -16.91 -13.63 -12.52
C GLU B 290 -16.60 -15.07 -12.94
N ILE B 291 -16.84 -16.02 -12.04
CA ILE B 291 -16.63 -17.42 -12.39
C ILE B 291 -17.63 -17.84 -13.47
N SER B 292 -18.89 -17.52 -13.30
CA SER B 292 -19.97 -17.89 -14.21
C SER B 292 -19.70 -17.31 -15.61
N SER B 293 -19.41 -16.01 -15.66
N SER B 293 -19.43 -16.01 -15.69
CA SER B 293 -19.16 -15.32 -16.94
CA SER B 293 -19.12 -15.35 -16.97
C SER B 293 -17.94 -15.85 -17.68
C SER B 293 -17.99 -16.05 -17.69
N THR B 294 -16.90 -16.25 -16.96
CA THR B 294 -15.71 -16.82 -17.52
C THR B 294 -15.96 -18.25 -18.03
N VAL B 295 -16.60 -19.05 -17.21
CA VAL B 295 -16.84 -20.45 -17.56
C VAL B 295 -17.69 -20.54 -18.82
N GLN B 296 -18.68 -19.69 -18.90
CA GLN B 296 -19.55 -19.53 -20.06
C GLN B 296 -18.81 -19.15 -21.34
N GLU B 297 -17.80 -18.29 -21.20
CA GLU B 297 -16.94 -17.92 -22.32
C GLU B 297 -16.06 -19.07 -22.75
N GLU B 298 -15.56 -19.89 -21.83
CA GLU B 298 -14.61 -20.92 -22.19
C GLU B 298 -15.27 -22.28 -22.47
N CYS B 299 -16.50 -22.46 -22.04
CA CYS B 299 -17.14 -23.79 -21.98
C CYS B 299 -18.50 -23.82 -22.64
N PHE B 300 -18.79 -22.83 -23.49
CA PHE B 300 -20.10 -22.65 -24.04
C PHE B 300 -20.64 -23.91 -24.75
N LEU B 301 -19.78 -24.64 -25.44
CA LEU B 301 -20.22 -25.80 -26.23
C LEU B 301 -20.53 -27.00 -25.29
N ASN B 302 -20.04 -26.96 -24.04
CA ASN B 302 -20.25 -28.05 -23.09
C ASN B 302 -21.35 -27.87 -22.07
N LEU B 303 -21.85 -26.63 -21.95
CA LEU B 303 -22.77 -26.31 -20.89
C LEU B 303 -24.15 -26.74 -21.29
N GLU B 304 -24.73 -27.66 -20.51
CA GLU B 304 -26.02 -28.22 -20.81
C GLU B 304 -27.14 -27.46 -20.17
N ALA B 305 -26.79 -26.59 -19.21
CA ALA B 305 -27.81 -25.86 -18.46
C ALA B 305 -27.20 -24.51 -18.07
N PRO B 306 -28.01 -23.51 -17.78
CA PRO B 306 -27.50 -22.25 -17.19
C PRO B 306 -26.79 -22.49 -15.90
N ILE B 307 -25.73 -21.72 -15.70
CA ILE B 307 -24.94 -21.81 -14.48
C ILE B 307 -25.77 -21.26 -13.34
N SER B 308 -25.75 -21.98 -12.21
N SER B 308 -25.75 -21.96 -12.19
CA SER B 308 -26.46 -21.57 -10.99
CA SER B 308 -26.52 -21.55 -11.01
C SER B 308 -25.55 -20.75 -10.09
C SER B 308 -25.63 -20.83 -9.99
N ARG B 309 -26.07 -19.69 -9.48
CA ARG B 309 -25.36 -19.02 -8.39
C ARG B 309 -26.29 -19.11 -7.20
N VAL B 310 -25.87 -19.79 -6.14
CA VAL B 310 -26.65 -19.81 -4.91
C VAL B 310 -25.87 -18.97 -3.88
N CYS B 311 -26.36 -17.77 -3.64
CA CYS B 311 -25.61 -16.82 -2.82
C CYS B 311 -26.48 -16.19 -1.74
N GLY B 312 -25.84 -15.35 -0.92
CA GLY B 312 -26.59 -14.49 -0.03
C GLY B 312 -27.52 -13.60 -0.80
N TYR B 313 -28.61 -13.14 -0.19
CA TYR B 313 -29.45 -12.18 -0.82
C TYR B 313 -28.77 -10.81 -0.92
N ASP B 314 -29.32 -9.96 -1.76
CA ASP B 314 -28.79 -8.57 -1.92
C ASP B 314 -29.31 -7.60 -0.82
N THR B 315 -28.91 -7.92 0.40
CA THR B 315 -29.25 -7.16 1.58
C THR B 315 -28.00 -7.09 2.44
N PRO B 316 -28.02 -6.22 3.44
CA PRO B 316 -27.01 -6.34 4.49
C PRO B 316 -27.25 -7.62 5.27
N PHE B 317 -26.24 -8.06 5.99
CA PHE B 317 -26.29 -9.34 6.69
C PHE B 317 -27.07 -9.23 7.99
N PRO B 318 -28.24 -9.88 8.11
CA PRO B 318 -29.09 -9.64 9.30
C PRO B 318 -28.71 -10.43 10.54
N HIS B 319 -29.14 -9.89 11.69
CA HIS B 319 -28.97 -10.57 12.95
C HIS B 319 -29.98 -11.76 13.10
N ILE B 320 -31.24 -11.44 13.37
CA ILE B 320 -32.20 -12.48 13.78
C ILE B 320 -32.54 -13.39 12.61
N PHE B 321 -32.43 -12.87 11.38
CA PHE B 321 -32.85 -13.58 10.20
C PHE B 321 -31.75 -14.43 9.58
N GLU B 322 -30.59 -14.58 10.21
CA GLU B 322 -29.49 -15.27 9.57
C GLU B 322 -29.91 -16.65 9.01
N PRO B 323 -30.68 -17.46 9.76
CA PRO B 323 -31.03 -18.79 9.19
C PRO B 323 -31.73 -18.74 7.84
N PHE B 324 -32.46 -17.67 7.57
CA PHE B 324 -33.15 -17.50 6.33
C PHE B 324 -32.29 -16.83 5.26
N TYR B 325 -31.16 -16.25 5.65
CA TYR B 325 -30.36 -15.45 4.71
C TYR B 325 -29.35 -16.31 3.96
N ILE B 326 -28.69 -17.20 4.68
CA ILE B 326 -27.51 -17.90 4.20
C ILE B 326 -27.88 -18.94 3.11
N PRO B 327 -27.00 -19.14 2.14
CA PRO B 327 -27.20 -20.14 1.06
C PRO B 327 -26.90 -21.54 1.60
N ASP B 328 -27.86 -22.04 2.37
CA ASP B 328 -27.64 -23.26 3.13
C ASP B 328 -27.78 -24.49 2.19
N LYS B 329 -27.60 -25.68 2.76
CA LYS B 329 -27.57 -26.94 1.97
C LYS B 329 -28.88 -27.20 1.19
N TRP B 330 -30.01 -26.73 1.73
CA TRP B 330 -31.31 -26.91 1.13
C TRP B 330 -31.49 -25.97 -0.01
N LYS B 331 -30.97 -24.75 0.12
CA LYS B 331 -31.06 -23.81 -0.98
C LYS B 331 -30.17 -24.28 -2.14
N CYS B 332 -28.97 -24.74 -1.82
CA CYS B 332 -28.05 -25.27 -2.81
C CYS B 332 -28.61 -26.55 -3.46
N TYR B 333 -29.19 -27.39 -2.62
CA TYR B 333 -29.71 -28.67 -3.09
C TYR B 333 -30.85 -28.42 -4.04
N ASP B 334 -31.77 -27.51 -3.71
CA ASP B 334 -32.89 -27.27 -4.56
C ASP B 334 -32.50 -26.70 -5.89
N ALA B 335 -31.45 -25.86 -5.89
CA ALA B 335 -31.02 -25.23 -7.13
C ALA B 335 -30.30 -26.25 -8.02
N LEU B 336 -29.60 -27.15 -7.37
CA LEU B 336 -28.91 -28.22 -8.03
C LEU B 336 -29.95 -29.17 -8.69
N ARG B 337 -31.02 -29.44 -7.97
CA ARG B 337 -32.08 -30.31 -8.47
C ARG B 337 -32.66 -29.73 -9.74
N LYS B 338 -33.04 -28.45 -9.68
CA LYS B 338 -33.60 -27.74 -10.84
C LYS B 338 -32.66 -27.69 -12.01
N MET B 339 -31.37 -27.51 -11.74
CA MET B 339 -30.37 -27.48 -12.78
C MET B 339 -30.21 -28.86 -13.46
N ILE B 340 -30.12 -29.92 -12.66
CA ILE B 340 -30.12 -31.30 -13.16
C ILE B 340 -31.36 -31.61 -14.03
N ASN B 341 -32.52 -31.14 -13.63
CA ASN B 341 -33.76 -31.34 -14.41
C ASN B 341 -33.88 -30.46 -15.64
N TYR B 342 -32.91 -29.57 -15.87
CA TYR B 342 -33.02 -28.63 -16.97
C TYR B 342 -32.95 -29.39 -18.31
#